data_9CP5
#
_entry.id   9CP5
#
_cell.length_a   1.00
_cell.length_b   1.00
_cell.length_c   1.00
_cell.angle_alpha   90.00
_cell.angle_beta   90.00
_cell.angle_gamma   90.00
#
_symmetry.space_group_name_H-M   'P 1'
#
loop_
_entity.id
_entity.type
_entity.pdbx_description
1 polymer 'Sodium- and chloride-dependent GABA transporter 3'
2 polymer '9D5 heavy chain'
3 polymer '9D5 light chain'
4 non-polymer 'CHLORIDE ION'
#
loop_
_entity_poly.entity_id
_entity_poly.type
_entity_poly.pdbx_seq_one_letter_code
_entity_poly.pdbx_strand_id
1 'polypeptide(L)'
;MTAEKALPLGNGKAAEEARESEAPGGGCSSGGAAPARHPRVKRDKAVHERGHWNNKVEFVLSVAGEIIGLGNVWRFPYLC
YKNGGGAFLIPYVVFFICCGIPVFFLETALGQFTSEGGITCWRKVCPLFEGIGYATQVIEAHLNVYYIIILAWAIFYLSN
CFTTELPWATCGHEWNTENCVEFQKLNVSNYSHVSLQNATSPVMEFWEHRVLAISDGIEHIGNLRWELALCLLAAWTICY
FCIWKGTKSTGKVVYVTATFPYIMLLILLIRGVTLPGASEGIKFYLYPDLSRLSDPQVWVDAGTQIFFSYAICLGCLTAL
GSYNNYHNNCYRDCIMLCCLNSGTSFVAGFAIFSVLGFMAYEQGVPIAEVAESGPGLAFIAYPKAVTMMPLSPLWATLFF
MMLIFLGLDSQFVCVESLVTAVVDMYPKVFRRGYRRELLILALSVISYFLGLVMLTEGGMYIFQLFDSYAASGMCLLFVA
IFECICIGWVYGSNRFSEDIRDMIGFPPPSLIKWCWMIMTPGICAGIFIFFLIKYKPLKYNNIYTYPAWGYGIGWLMALS
SMLCIPLWICITVWKTEGTLPEKLQKLTTPSTDLKMRGKLGVSPRMVTVNDCDAKLKSDGTIAAITEKETHFAAALEVLF
Q
;
A
2 'polypeptide(L)'
;EVQLVESGGGLVKPGGSLKLSCAASGFTFSSYAMSWVRQSPEKRLEWVAEISSGGRYIYYSDTVTGRFTISRDNARNILH
LEMSSLRSEDTAMYYCARGEVRQRGFDYWGQGTTLTVSSAKTTAPSVYPLAPVCGDTTGSSVTLGCLVKGYFPEPVTLTW
NSGSLSSGVHTFPAVLQSDLYTLSSSVTVTSSTWPSQSITCNVAHPASSTKVDKKIEPRAAALEVLFQGPGSHHHHHHHH
HH
;
H
3 'polypeptide(L)'
;ENVLTQSPAIMSTSPGEKVTMTCRASSSVGSSYLHWYQQKSGASPKLWIYSTSNLASGVPARFSGSGSGTSYSLTISSVE
AEDAATYYCQQFSGYPLTFGSGTKLEMKRADAAPTVSIFPPSSEQLTSGGASVVCFLNNFYPKDINVKWKIDGSERQNGV
LNSWTDQDSKDSTYSMSSTLTLTKDEYERHNSYTCEATHKTSTSPIVKSFNRNE
;
L
#
loop_
_chem_comp.id
_chem_comp.type
_chem_comp.name
_chem_comp.formula
CL non-polymer 'CHLORIDE ION' 'Cl -1'
#
# COMPACT_ATOMS: atom_id res chain seq x y z
N VAL A 57 -22.17 2.76 7.45
CA VAL A 57 -20.81 2.25 7.51
C VAL A 57 -19.98 3.07 8.48
N GLU A 58 -19.23 2.39 9.34
CA GLU A 58 -18.39 3.09 10.32
C GLU A 58 -17.21 3.79 9.64
N PHE A 59 -16.67 3.21 8.57
CA PHE A 59 -15.53 3.82 7.90
C PHE A 59 -15.92 5.08 7.15
N VAL A 60 -17.08 5.05 6.48
CA VAL A 60 -17.52 6.22 5.71
C VAL A 60 -17.91 7.36 6.63
N LEU A 61 -18.59 7.05 7.74
CA LEU A 61 -19.06 8.08 8.65
C LEU A 61 -17.89 8.75 9.39
N SER A 62 -16.88 7.97 9.77
CA SER A 62 -15.75 8.53 10.48
C SER A 62 -14.86 9.37 9.58
N VAL A 63 -14.70 8.95 8.32
CA VAL A 63 -13.86 9.68 7.38
C VAL A 63 -14.50 11.01 7.00
N ALA A 64 -15.83 10.99 6.79
CA ALA A 64 -16.55 12.21 6.43
C ALA A 64 -16.54 13.25 7.55
N GLY A 65 -16.31 12.84 8.80
CA GLY A 65 -16.18 13.78 9.89
C GLY A 65 -14.85 14.50 9.95
N GLU A 66 -13.88 14.11 9.13
CA GLU A 66 -12.59 14.75 9.08
C GLU A 66 -12.33 15.51 7.79
N ILE A 67 -13.14 15.30 6.75
CA ILE A 67 -12.97 16.04 5.51
C ILE A 67 -13.40 17.49 5.69
N ILE A 68 -14.57 17.71 6.27
CA ILE A 68 -15.10 19.07 6.40
C ILE A 68 -14.38 19.81 7.52
N GLY A 69 -14.35 21.13 7.40
CA GLY A 69 -13.73 21.97 8.41
C GLY A 69 -13.92 23.43 8.04
N LEU A 70 -13.43 24.31 8.92
CA LEU A 70 -13.53 25.74 8.65
C LEU A 70 -12.62 26.16 7.50
N GLY A 71 -11.55 25.41 7.25
CA GLY A 71 -10.64 25.71 6.15
C GLY A 71 -11.25 25.53 4.77
N ASN A 72 -12.39 24.88 4.67
CA ASN A 72 -13.10 24.72 3.41
C ASN A 72 -14.28 25.65 3.24
N VAL A 73 -15.00 25.95 4.33
CA VAL A 73 -16.22 26.76 4.23
C VAL A 73 -15.97 28.22 4.59
N TRP A 74 -14.82 28.57 5.16
CA TRP A 74 -14.55 29.95 5.53
C TRP A 74 -13.28 30.51 4.94
N ARG A 75 -12.19 29.75 4.93
CA ARG A 75 -10.90 30.29 4.52
C ARG A 75 -10.67 30.17 3.01
N PHE A 76 -11.09 29.08 2.39
CA PHE A 76 -10.87 28.93 0.95
C PHE A 76 -11.63 29.95 0.10
N PRO A 77 -12.93 30.23 0.31
CA PRO A 77 -13.55 31.29 -0.51
C PRO A 77 -13.03 32.67 -0.19
N TYR A 78 -12.61 32.92 1.05
CA TYR A 78 -11.87 34.13 1.39
C TYR A 78 -10.62 34.28 0.55
N LEU A 79 -9.80 33.23 0.48
CA LEU A 79 -8.54 33.34 -0.26
C LEU A 79 -8.79 33.32 -1.77
N CYS A 80 -9.92 32.78 -2.20
CA CYS A 80 -10.27 32.77 -3.62
C CYS A 80 -10.97 34.04 -4.05
N TYR A 81 -11.44 34.87 -3.11
CA TYR A 81 -11.98 36.18 -3.45
C TYR A 81 -10.99 37.31 -3.27
N LYS A 82 -10.13 37.22 -2.25
CA LYS A 82 -9.14 38.26 -2.02
C LYS A 82 -8.10 38.30 -3.13
N ASN A 83 -7.53 37.15 -3.47
CA ASN A 83 -6.45 37.07 -4.46
C ASN A 83 -6.99 36.76 -5.86
N GLY A 84 -8.00 37.50 -6.31
CA GLY A 84 -8.58 37.26 -7.61
C GLY A 84 -9.45 36.04 -7.68
N GLY A 85 -10.55 36.10 -8.42
CA GLY A 85 -11.52 35.02 -8.44
C GLY A 85 -11.06 33.74 -9.10
N GLY A 86 -10.86 33.77 -10.41
CA GLY A 86 -10.51 32.57 -11.15
C GLY A 86 -9.02 32.30 -11.19
N ALA A 87 -8.21 33.32 -10.95
CA ALA A 87 -6.76 33.16 -11.00
C ALA A 87 -6.21 32.41 -9.80
N PHE A 88 -7.01 32.21 -8.75
CA PHE A 88 -6.56 31.49 -7.58
C PHE A 88 -6.52 29.98 -7.81
N LEU A 89 -7.36 29.46 -8.71
CA LEU A 89 -7.46 28.01 -8.86
C LEU A 89 -6.28 27.40 -9.61
N ILE A 90 -5.65 28.17 -10.51
CA ILE A 90 -4.52 27.62 -11.27
C ILE A 90 -3.33 27.24 -10.38
N PRO A 91 -2.86 28.07 -9.44
CA PRO A 91 -1.88 27.55 -8.48
C PRO A 91 -2.47 26.60 -7.45
N TYR A 92 -3.78 26.65 -7.22
CA TYR A 92 -4.41 25.75 -6.26
C TYR A 92 -4.29 24.30 -6.72
N VAL A 93 -4.62 24.01 -7.98
CA VAL A 93 -4.52 22.65 -8.47
C VAL A 93 -3.07 22.22 -8.61
N VAL A 94 -2.17 23.16 -8.93
CA VAL A 94 -0.75 22.83 -9.03
C VAL A 94 -0.19 22.40 -7.68
N PHE A 95 -0.52 23.14 -6.63
CA PHE A 95 -0.08 22.73 -5.30
C PHE A 95 -0.84 21.51 -4.80
N PHE A 96 -2.08 21.32 -5.26
CA PHE A 96 -2.84 20.12 -4.93
C PHE A 96 -2.17 18.88 -5.51
N ILE A 97 -1.64 18.98 -6.72
CA ILE A 97 -0.95 17.84 -7.34
C ILE A 97 0.44 17.65 -6.73
N CYS A 98 1.22 18.73 -6.64
CA CYS A 98 2.65 18.59 -6.36
C CYS A 98 3.02 18.71 -4.89
N CYS A 99 2.14 19.23 -4.04
CA CYS A 99 2.48 19.43 -2.63
C CYS A 99 1.42 18.98 -1.65
N GLY A 100 0.19 18.73 -2.08
CA GLY A 100 -0.80 18.19 -1.18
C GLY A 100 -0.62 16.70 -1.00
N ILE A 101 -0.65 15.98 -2.13
CA ILE A 101 -0.45 14.52 -2.09
C ILE A 101 0.90 14.12 -1.52
N PRO A 102 2.05 14.64 -1.98
CA PRO A 102 3.32 14.10 -1.45
C PRO A 102 3.57 14.42 0.02
N VAL A 103 3.34 15.67 0.44
CA VAL A 103 3.58 16.00 1.84
C VAL A 103 2.54 15.36 2.75
N PHE A 104 1.28 15.24 2.28
CA PHE A 104 0.27 14.55 3.07
C PHE A 104 0.62 13.09 3.28
N PHE A 105 1.06 12.41 2.20
CA PHE A 105 1.48 11.02 2.31
C PHE A 105 2.71 10.88 3.18
N LEU A 106 3.64 11.83 3.08
CA LEU A 106 4.84 11.84 3.91
C LEU A 106 4.50 11.92 5.39
N GLU A 107 3.64 12.87 5.76
CA GLU A 107 3.33 13.05 7.18
C GLU A 107 2.50 11.89 7.72
N THR A 108 1.55 11.38 6.92
CA THR A 108 0.79 10.22 7.38
C THR A 108 1.67 8.99 7.56
N ALA A 109 2.57 8.74 6.60
CA ALA A 109 3.46 7.59 6.71
C ALA A 109 4.42 7.73 7.87
N LEU A 110 4.96 8.93 8.11
CA LEU A 110 5.86 9.13 9.23
C LEU A 110 5.14 8.98 10.56
N GLY A 111 3.92 9.50 10.66
CA GLY A 111 3.17 9.38 11.90
C GLY A 111 2.80 7.95 12.21
N GLN A 112 2.44 7.16 11.19
CA GLN A 112 2.15 5.76 11.44
C GLN A 112 3.42 4.95 11.68
N PHE A 113 4.54 5.34 11.06
CA PHE A 113 5.79 4.63 11.25
C PHE A 113 6.32 4.80 12.68
N THR A 114 6.41 6.04 13.15
CA THR A 114 7.02 6.26 14.45
C THR A 114 6.05 5.93 15.59
N SER A 115 4.75 6.18 15.37
CA SER A 115 3.66 5.79 16.29
C SER A 115 3.82 6.44 17.67
N GLU A 116 4.01 7.75 17.68
CA GLU A 116 4.09 8.52 18.92
C GLU A 116 3.75 9.97 18.59
N GLY A 117 4.07 10.89 19.51
CA GLY A 117 3.79 12.29 19.33
C GLY A 117 4.55 12.90 18.17
N GLY A 118 4.08 14.08 17.74
CA GLY A 118 4.56 14.69 16.51
C GLY A 118 5.87 15.44 16.61
N ILE A 119 6.51 15.49 17.77
CA ILE A 119 7.75 16.24 17.92
C ILE A 119 8.88 15.32 18.36
N THR A 120 8.56 14.22 19.02
CA THR A 120 9.53 13.18 19.27
C THR A 120 9.64 12.22 18.10
N CYS A 121 8.68 12.26 17.18
CA CYS A 121 8.78 11.51 15.93
C CYS A 121 9.99 11.99 15.13
N TRP A 122 10.16 13.30 15.01
CA TRP A 122 11.35 13.83 14.36
C TRP A 122 12.60 13.59 15.19
N ARG A 123 12.47 13.40 16.51
CA ARG A 123 13.63 13.03 17.31
C ARG A 123 14.11 11.63 16.97
N LYS A 124 13.19 10.67 16.82
CA LYS A 124 13.61 9.31 16.51
C LYS A 124 13.77 9.05 15.02
N VAL A 125 13.39 9.98 14.15
CA VAL A 125 13.65 9.82 12.72
C VAL A 125 14.95 10.50 12.32
N CYS A 126 15.10 11.79 12.61
CA CYS A 126 16.30 12.54 12.25
C CYS A 126 16.55 13.58 13.32
N PRO A 127 17.44 13.29 14.27
CA PRO A 127 17.65 14.20 15.41
C PRO A 127 18.23 15.56 15.03
N LEU A 128 18.85 15.68 13.86
CA LEU A 128 19.32 17.00 13.41
C LEU A 128 18.15 17.91 13.08
N PHE A 129 17.18 17.41 12.33
CA PHE A 129 16.01 18.18 11.94
C PHE A 129 14.86 17.98 12.91
N GLU A 130 15.13 18.16 14.20
CA GLU A 130 14.09 18.08 15.22
C GLU A 130 13.31 19.38 15.35
N GLY A 131 13.82 20.48 14.80
CA GLY A 131 13.15 21.76 14.89
C GLY A 131 11.87 21.86 14.09
N ILE A 132 11.62 20.90 13.19
CA ILE A 132 10.36 20.90 12.44
C ILE A 132 9.18 20.63 13.36
N GLY A 133 9.36 19.79 14.38
CA GLY A 133 8.29 19.54 15.33
C GLY A 133 7.97 20.75 16.18
N TYR A 134 8.99 21.48 16.62
CA TYR A 134 8.75 22.67 17.44
C TYR A 134 8.12 23.78 16.63
N ALA A 135 8.45 23.88 15.33
CA ALA A 135 7.77 24.83 14.46
C ALA A 135 6.29 24.48 14.33
N THR A 136 5.97 23.19 14.26
CA THR A 136 4.57 22.80 14.25
C THR A 136 3.88 23.10 15.57
N GLN A 137 4.62 23.00 16.69
CA GLN A 137 4.05 23.42 17.97
C GLN A 137 3.72 24.91 17.99
N VAL A 138 4.62 25.73 17.44
CA VAL A 138 4.36 27.18 17.41
C VAL A 138 3.19 27.50 16.49
N ILE A 139 3.10 26.80 15.35
CA ILE A 139 1.97 26.99 14.45
C ILE A 139 0.66 26.58 15.12
N GLU A 140 0.67 25.48 15.86
CA GLU A 140 -0.53 25.05 16.59
C GLU A 140 -0.92 26.04 17.67
N ALA A 141 0.07 26.62 18.36
CA ALA A 141 -0.23 27.61 19.40
C ALA A 141 -0.85 28.86 18.80
N HIS A 142 -0.29 29.35 17.69
CA HIS A 142 -0.87 30.52 17.02
C HIS A 142 -2.27 30.21 16.50
N LEU A 143 -2.46 29.02 15.92
CA LEU A 143 -3.77 28.63 15.42
C LEU A 143 -4.80 28.59 16.55
N ASN A 144 -4.50 27.88 17.63
CA ASN A 144 -5.40 27.83 18.78
C ASN A 144 -5.61 29.20 19.41
N VAL A 145 -4.69 30.15 19.20
CA VAL A 145 -4.95 31.53 19.59
C VAL A 145 -6.05 32.13 18.72
N TYR A 146 -5.96 31.99 17.39
CA TYR A 146 -6.97 32.65 16.57
C TYR A 146 -7.93 31.73 15.82
N TYR A 147 -7.89 30.42 16.04
CA TYR A 147 -8.92 29.59 15.41
C TYR A 147 -10.22 29.60 16.21
N ILE A 148 -10.17 30.08 17.45
CA ILE A 148 -11.34 30.08 18.31
C ILE A 148 -12.18 31.34 18.16
N ILE A 149 -11.61 32.41 17.60
CA ILE A 149 -12.35 33.67 17.46
C ILE A 149 -13.44 33.54 16.40
N ILE A 150 -13.26 32.65 15.42
CA ILE A 150 -14.31 32.41 14.43
C ILE A 150 -15.54 31.80 15.10
N LEU A 151 -15.31 30.92 16.08
CA LEU A 151 -16.42 30.39 16.85
C LEU A 151 -17.04 31.46 17.74
N ALA A 152 -16.25 32.44 18.19
CA ALA A 152 -16.82 33.56 18.94
C ALA A 152 -17.76 34.39 18.08
N TRP A 153 -17.35 34.69 16.85
CA TRP A 153 -18.22 35.42 15.93
C TRP A 153 -19.45 34.60 15.58
N ALA A 154 -19.29 33.29 15.38
CA ALA A 154 -20.43 32.45 15.05
C ALA A 154 -21.38 32.30 16.23
N ILE A 155 -20.88 32.32 17.45
CA ILE A 155 -21.74 32.36 18.63
C ILE A 155 -22.49 33.69 18.71
N PHE A 156 -21.79 34.79 18.38
CA PHE A 156 -22.44 36.10 18.41
C PHE A 156 -23.56 36.21 17.37
N TYR A 157 -23.34 35.65 16.18
CA TYR A 157 -24.44 35.52 15.23
C TYR A 157 -25.54 34.61 15.76
N LEU A 158 -25.17 33.53 16.46
CA LEU A 158 -26.19 32.65 17.02
C LEU A 158 -26.96 33.35 18.14
N SER A 159 -26.32 34.32 18.81
CA SER A 159 -27.01 35.10 19.83
C SER A 159 -28.09 35.99 19.22
N ASN A 160 -27.78 36.62 18.08
CA ASN A 160 -28.71 37.53 17.44
C ASN A 160 -29.68 36.82 16.49
N CYS A 161 -29.48 35.53 16.24
CA CYS A 161 -30.29 34.85 15.24
C CYS A 161 -31.71 34.58 15.71
N PHE A 162 -31.90 34.29 16.99
CA PHE A 162 -33.21 33.92 17.51
C PHE A 162 -34.15 35.10 17.57
N THR A 163 -34.59 35.58 16.40
CA THR A 163 -35.52 36.69 16.29
C THR A 163 -36.31 36.46 15.01
N THR A 164 -37.61 36.81 15.05
CA THR A 164 -38.45 36.63 13.88
C THR A 164 -38.03 37.50 12.70
N GLU A 165 -37.32 38.59 12.95
CA GLU A 165 -36.70 39.40 11.91
C GLU A 165 -35.19 39.44 12.15
N LEU A 166 -34.43 39.06 11.14
CA LEU A 166 -32.98 38.98 11.30
C LEU A 166 -32.38 40.37 11.44
N PRO A 167 -31.30 40.51 12.21
CA PRO A 167 -30.66 41.83 12.33
C PRO A 167 -29.99 42.30 11.05
N TRP A 168 -29.49 41.39 10.22
CA TRP A 168 -28.74 41.75 9.01
C TRP A 168 -29.59 41.74 7.77
N ALA A 169 -30.88 42.07 7.88
CA ALA A 169 -31.79 41.98 6.75
C ALA A 169 -32.56 43.28 6.49
N THR A 170 -32.52 44.25 7.39
CA THR A 170 -33.25 45.49 7.19
C THR A 170 -32.29 46.68 7.30
N CYS A 171 -32.76 47.83 6.84
CA CYS A 171 -31.95 49.05 6.74
C CYS A 171 -32.33 50.05 7.84
N GLY A 172 -32.58 49.57 9.06
CA GLY A 172 -32.67 50.49 10.17
C GLY A 172 -32.38 49.88 11.53
N HIS A 173 -31.36 50.41 12.21
CA HIS A 173 -30.89 49.96 13.54
C HIS A 173 -30.03 51.08 14.11
N GLU A 174 -29.37 50.80 15.24
CA GLU A 174 -28.47 51.77 15.86
C GLU A 174 -27.14 51.83 15.14
N TRP A 175 -26.81 50.82 14.33
CA TRP A 175 -25.52 50.75 13.66
C TRP A 175 -25.57 51.14 12.19
N ASN A 176 -26.74 51.14 11.57
CA ASN A 176 -26.83 51.43 10.14
C ASN A 176 -26.56 52.90 9.87
N THR A 177 -25.84 53.17 8.78
CA THR A 177 -25.47 54.52 8.42
C THR A 177 -26.50 55.10 7.45
N GLU A 178 -26.26 56.34 6.99
CA GLU A 178 -27.18 57.00 6.08
C GLU A 178 -27.13 56.41 4.69
N ASN A 179 -25.95 55.93 4.26
CA ASN A 179 -25.77 55.42 2.91
C ASN A 179 -26.27 53.99 2.71
N CYS A 180 -26.93 53.41 3.70
CA CYS A 180 -27.53 52.09 3.54
C CYS A 180 -28.73 52.17 2.60
N VAL A 181 -29.11 50.99 2.08
CA VAL A 181 -30.32 50.85 1.30
C VAL A 181 -30.81 49.41 1.46
N GLU A 182 -32.12 49.22 1.36
CA GLU A 182 -32.73 47.91 1.59
C GLU A 182 -32.29 46.89 0.54
N PHE A 183 -32.21 47.32 -0.73
CA PHE A 183 -31.93 46.49 -1.91
C PHE A 183 -32.97 45.39 -2.14
N GLN A 184 -34.09 45.43 -1.44
CA GLN A 184 -35.16 44.45 -1.62
C GLN A 184 -36.55 45.06 -1.67
N LYS A 185 -36.71 46.33 -1.28
CA LYS A 185 -38.04 46.93 -1.25
C LYS A 185 -38.58 47.23 -2.64
N LEU A 186 -37.71 47.35 -3.65
CA LEU A 186 -38.15 47.60 -5.01
C LEU A 186 -37.21 46.87 -5.97
N ASN A 187 -37.74 46.57 -7.15
CA ASN A 187 -36.95 45.87 -8.17
C ASN A 187 -35.95 46.82 -8.82
N VAL A 188 -36.44 47.91 -9.41
CA VAL A 188 -35.55 48.90 -10.01
C VAL A 188 -34.96 49.81 -8.95
N SER A 189 -35.68 50.05 -7.85
CA SER A 189 -35.27 50.86 -6.71
C SER A 189 -34.82 52.26 -7.11
N ASN A 190 -33.80 52.79 -6.43
CA ASN A 190 -33.26 54.10 -6.75
C ASN A 190 -31.74 54.11 -6.67
N TYR A 191 -31.09 52.99 -7.02
CA TYR A 191 -29.63 52.92 -6.99
C TYR A 191 -29.02 53.51 -8.25
N SER A 192 -27.72 53.22 -8.47
CA SER A 192 -26.84 53.68 -9.55
C SER A 192 -26.44 55.14 -9.40
N HIS A 193 -26.97 55.86 -8.42
CA HIS A 193 -26.43 57.15 -8.02
C HIS A 193 -26.16 57.10 -6.52
N VAL A 194 -26.99 56.35 -5.79
CA VAL A 194 -26.66 56.01 -4.42
C VAL A 194 -25.47 55.07 -4.40
N SER A 195 -25.33 54.22 -5.42
CA SER A 195 -24.13 53.40 -5.58
C SER A 195 -22.91 54.28 -5.82
N LEU A 196 -23.06 55.35 -6.60
CA LEU A 196 -21.98 56.33 -6.75
C LEU A 196 -21.71 57.05 -5.43
N GLN A 197 -22.73 57.20 -4.58
CA GLN A 197 -22.56 57.71 -3.23
C GLN A 197 -22.25 56.60 -2.22
N ASN A 198 -21.67 55.49 -2.69
CA ASN A 198 -21.26 54.36 -1.87
C ASN A 198 -22.43 53.72 -1.12
N ALA A 199 -23.37 53.17 -1.90
CA ALA A 199 -24.43 52.36 -1.32
C ALA A 199 -23.85 51.08 -0.74
N THR A 200 -24.49 50.58 0.31
CA THR A 200 -24.01 49.40 1.02
C THR A 200 -25.18 48.47 1.35
N SER A 201 -24.96 47.17 1.13
CA SER A 201 -25.96 46.18 1.49
C SER A 201 -26.05 46.09 3.02
N PRO A 202 -27.24 45.75 3.54
CA PRO A 202 -27.42 45.74 5.01
C PRO A 202 -26.55 44.74 5.75
N VAL A 203 -26.22 43.59 5.16
CA VAL A 203 -25.34 42.65 5.82
C VAL A 203 -23.91 43.20 5.90
N MET A 204 -23.48 43.91 4.85
CA MET A 204 -22.15 44.50 4.80
C MET A 204 -21.99 45.57 5.86
N GLU A 205 -23.04 46.34 6.12
CA GLU A 205 -23.01 47.31 7.21
C GLU A 205 -23.11 46.63 8.56
N PHE A 206 -23.96 45.60 8.68
CA PHE A 206 -24.20 44.97 9.97
C PHE A 206 -22.94 44.32 10.51
N TRP A 207 -22.23 43.58 9.64
CA TRP A 207 -21.00 42.92 10.07
C TRP A 207 -19.97 43.91 10.57
N GLU A 208 -19.67 44.93 9.75
CA GLU A 208 -18.62 45.90 10.09
C GLU A 208 -18.98 46.74 11.30
N HIS A 209 -20.24 47.17 11.41
CA HIS A 209 -20.59 48.14 12.43
C HIS A 209 -21.30 47.54 13.64
N ARG A 210 -21.54 46.25 13.67
CA ARG A 210 -22.09 45.67 14.88
C ARG A 210 -21.32 44.43 15.34
N VAL A 211 -20.86 43.59 14.41
CA VAL A 211 -20.23 42.34 14.82
C VAL A 211 -18.88 42.61 15.47
N LEU A 212 -18.09 43.53 14.91
CA LEU A 212 -16.80 43.85 15.47
C LEU A 212 -16.49 45.34 15.58
N ALA A 213 -17.34 46.23 15.03
CA ALA A 213 -17.22 47.68 15.15
C ALA A 213 -15.86 48.18 14.64
N ILE A 214 -15.69 48.04 13.32
CA ILE A 214 -14.40 48.27 12.70
C ILE A 214 -13.95 49.72 12.86
N SER A 215 -12.66 49.91 13.13
CA SER A 215 -12.05 51.21 13.27
C SER A 215 -11.18 51.50 12.04
N ASP A 216 -10.84 52.77 11.86
CA ASP A 216 -10.12 53.22 10.67
C ASP A 216 -8.61 53.08 10.82
N GLY A 217 -8.15 51.89 11.18
CA GLY A 217 -6.73 51.62 11.28
C GLY A 217 -6.40 50.70 12.44
N ILE A 218 -5.24 50.05 12.34
CA ILE A 218 -4.77 49.16 13.40
C ILE A 218 -4.22 49.96 14.59
N GLU A 219 -3.84 51.22 14.37
CA GLU A 219 -3.34 52.09 15.42
C GLU A 219 -4.47 52.68 16.25
N HIS A 220 -5.71 52.41 15.85
CA HIS A 220 -6.90 52.99 16.46
C HIS A 220 -7.71 51.92 17.17
N ILE A 221 -7.03 51.12 17.99
CA ILE A 221 -7.68 50.07 18.78
C ILE A 221 -8.65 50.71 19.76
N GLY A 222 -9.95 50.44 19.59
CA GLY A 222 -10.97 51.02 20.41
C GLY A 222 -11.26 50.23 21.66
N ASN A 223 -12.45 50.45 22.21
CA ASN A 223 -12.87 49.74 23.41
C ASN A 223 -13.15 48.28 23.11
N LEU A 224 -12.89 47.42 24.09
CA LEU A 224 -13.13 46.00 23.93
C LEU A 224 -14.62 45.70 23.91
N ARG A 225 -15.03 44.89 22.94
CA ARG A 225 -16.43 44.49 22.82
C ARG A 225 -16.71 43.42 23.88
N TRP A 226 -17.55 43.76 24.85
CA TRP A 226 -17.76 42.86 25.98
C TRP A 226 -18.65 41.68 25.60
N GLU A 227 -19.61 41.89 24.69
CA GLU A 227 -20.44 40.78 24.22
C GLU A 227 -19.59 39.75 23.48
N LEU A 228 -18.64 40.22 22.67
CA LEU A 228 -17.71 39.30 22.01
C LEU A 228 -16.79 38.62 23.01
N ALA A 229 -16.44 39.31 24.10
CA ALA A 229 -15.62 38.68 25.14
C ALA A 229 -16.38 37.55 25.82
N LEU A 230 -17.67 37.76 26.10
CA LEU A 230 -18.49 36.69 26.65
C LEU A 230 -18.66 35.55 25.65
N CYS A 231 -18.77 35.87 24.35
CA CYS A 231 -18.86 34.83 23.33
C CYS A 231 -17.59 33.99 23.29
N LEU A 232 -16.42 34.64 23.39
CA LEU A 232 -15.15 33.91 23.40
C LEU A 232 -15.01 33.07 24.66
N LEU A 233 -15.47 33.59 25.80
CA LEU A 233 -15.45 32.81 27.03
C LEU A 233 -16.35 31.59 26.93
N ALA A 234 -17.52 31.74 26.32
CA ALA A 234 -18.42 30.61 26.10
C ALA A 234 -17.79 29.58 25.17
N ALA A 235 -17.13 30.03 24.11
CA ALA A 235 -16.46 29.11 23.19
C ALA A 235 -15.34 28.35 23.87
N TRP A 236 -14.55 29.04 24.70
CA TRP A 236 -13.46 28.36 25.39
C TRP A 236 -13.98 27.40 26.45
N THR A 237 -15.07 27.75 27.15
CA THR A 237 -15.56 26.84 28.17
C THR A 237 -16.27 25.64 27.55
N ILE A 238 -16.88 25.80 26.37
CA ILE A 238 -17.46 24.61 25.73
C ILE A 238 -16.36 23.76 25.11
N CYS A 239 -15.24 24.36 24.67
CA CYS A 239 -14.10 23.58 24.23
C CYS A 239 -13.49 22.80 25.39
N TYR A 240 -13.40 23.43 26.56
CA TYR A 240 -12.90 22.75 27.75
C TYR A 240 -13.84 21.64 28.20
N PHE A 241 -15.16 21.84 28.06
CA PHE A 241 -16.10 20.77 28.35
C PHE A 241 -15.94 19.61 27.37
N CYS A 242 -15.69 19.92 26.09
CA CYS A 242 -15.43 18.88 25.10
C CYS A 242 -14.14 18.15 25.40
N ILE A 243 -13.16 18.84 26.00
CA ILE A 243 -11.92 18.18 26.43
C ILE A 243 -12.21 17.17 27.53
N TRP A 244 -12.98 17.57 28.54
CA TRP A 244 -13.20 16.69 29.68
C TRP A 244 -14.23 15.61 29.38
N LYS A 245 -15.46 16.00 29.09
CA LYS A 245 -16.55 15.07 28.84
C LYS A 245 -16.96 15.19 27.38
N GLY A 246 -16.61 14.18 26.59
CA GLY A 246 -16.85 14.24 25.15
C GLY A 246 -15.76 13.55 24.36
N THR A 247 -14.69 13.14 25.05
CA THR A 247 -13.67 12.32 24.40
C THR A 247 -14.20 10.94 24.06
N LYS A 248 -15.18 10.46 24.83
CA LYS A 248 -15.83 9.19 24.53
C LYS A 248 -16.73 9.36 23.31
N SER A 249 -16.20 9.01 22.14
CA SER A 249 -16.86 9.27 20.88
C SER A 249 -17.83 8.13 20.54
N THR A 250 -18.28 8.09 19.29
CA THR A 250 -19.19 7.09 18.71
C THR A 250 -20.54 7.06 19.41
N GLY A 251 -21.38 6.10 19.04
CA GLY A 251 -22.74 6.03 19.54
C GLY A 251 -23.73 6.63 18.57
N LYS A 252 -24.79 7.24 19.09
CA LYS A 252 -25.80 7.89 18.26
C LYS A 252 -25.45 9.34 17.93
N VAL A 253 -24.35 9.86 18.47
CA VAL A 253 -23.99 11.26 18.21
C VAL A 253 -23.17 11.44 16.94
N VAL A 254 -22.56 10.38 16.42
CA VAL A 254 -21.76 10.50 15.21
C VAL A 254 -22.58 10.31 13.93
N TYR A 255 -23.74 9.67 14.01
CA TYR A 255 -24.60 9.50 12.84
C TYR A 255 -25.32 10.77 12.45
N VAL A 256 -25.43 11.74 13.36
CA VAL A 256 -26.13 12.99 13.10
C VAL A 256 -25.16 14.13 12.84
N THR A 257 -24.11 14.23 13.67
CA THR A 257 -23.17 15.35 13.61
C THR A 257 -22.01 15.11 12.66
N ALA A 258 -22.19 14.25 11.66
CA ALA A 258 -21.17 14.09 10.64
C ALA A 258 -21.70 14.34 9.23
N THR A 259 -22.92 13.91 8.94
CA THR A 259 -23.53 14.19 7.65
C THR A 259 -24.27 15.51 7.61
N PHE A 260 -24.48 16.14 8.77
CA PHE A 260 -25.17 17.44 8.82
C PHE A 260 -24.42 18.56 8.10
N PRO A 261 -23.09 18.74 8.22
CA PRO A 261 -22.43 19.76 7.40
C PRO A 261 -22.56 19.52 5.90
N TYR A 262 -22.56 18.27 5.45
CA TYR A 262 -22.70 18.01 4.02
C TYR A 262 -24.11 18.29 3.54
N ILE A 263 -25.12 17.96 4.35
CA ILE A 263 -26.50 18.30 4.00
C ILE A 263 -26.69 19.81 3.93
N MET A 264 -26.13 20.53 4.90
CA MET A 264 -26.28 21.98 4.91
C MET A 264 -25.52 22.63 3.75
N LEU A 265 -24.33 22.12 3.43
CA LEU A 265 -23.59 22.62 2.28
C LEU A 265 -24.32 22.33 0.98
N LEU A 266 -24.94 21.15 0.87
CA LEU A 266 -25.68 20.79 -0.33
C LEU A 266 -26.90 21.70 -0.51
N ILE A 267 -27.65 21.95 0.56
CA ILE A 267 -28.83 22.80 0.42
C ILE A 267 -28.43 24.25 0.18
N LEU A 268 -27.30 24.70 0.76
CA LEU A 268 -26.85 26.06 0.51
C LEU A 268 -26.36 26.22 -0.93
N LEU A 269 -25.69 25.21 -1.47
CA LEU A 269 -25.28 25.26 -2.87
C LEU A 269 -26.47 25.23 -3.80
N ILE A 270 -27.47 24.40 -3.47
CA ILE A 270 -28.70 24.29 -4.27
C ILE A 270 -29.42 25.63 -4.30
N ARG A 271 -29.47 26.33 -3.15
CA ARG A 271 -30.04 27.68 -3.16
C ARG A 271 -29.15 28.64 -3.95
N GLY A 272 -27.84 28.59 -3.75
CA GLY A 272 -26.95 29.60 -4.31
C GLY A 272 -26.91 29.58 -5.83
N VAL A 273 -27.00 28.39 -6.42
CA VAL A 273 -27.06 28.35 -7.89
C VAL A 273 -28.39 28.85 -8.42
N THR A 274 -29.42 28.89 -7.59
CA THR A 274 -30.75 29.35 -8.03
C THR A 274 -30.88 30.87 -8.00
N LEU A 275 -30.05 31.55 -7.19
CA LEU A 275 -30.08 33.00 -7.10
C LEU A 275 -29.76 33.64 -8.46
N PRO A 276 -30.51 34.65 -8.88
CA PRO A 276 -30.23 35.30 -10.17
C PRO A 276 -28.91 36.04 -10.14
N GLY A 277 -28.26 36.11 -11.30
CA GLY A 277 -26.96 36.72 -11.37
C GLY A 277 -25.83 35.87 -10.84
N ALA A 278 -26.07 34.58 -10.59
CA ALA A 278 -25.01 33.68 -10.16
C ALA A 278 -24.13 33.23 -11.31
N SER A 279 -24.56 33.42 -12.56
CA SER A 279 -23.72 33.08 -13.70
C SER A 279 -22.49 33.97 -13.73
N GLU A 280 -22.66 35.27 -13.47
CA GLU A 280 -21.52 36.17 -13.41
C GLU A 280 -20.59 35.82 -12.25
N GLY A 281 -21.15 35.42 -11.12
CA GLY A 281 -20.32 35.01 -10.00
C GLY A 281 -19.53 33.76 -10.28
N ILE A 282 -20.14 32.77 -10.94
CA ILE A 282 -19.42 31.55 -11.28
C ILE A 282 -18.37 31.82 -12.35
N LYS A 283 -18.68 32.69 -13.32
CA LYS A 283 -17.71 33.06 -14.34
C LYS A 283 -16.50 33.78 -13.73
N PHE A 284 -16.74 34.69 -12.78
CA PHE A 284 -15.65 35.31 -12.05
C PHE A 284 -14.89 34.29 -11.21
N TYR A 285 -15.59 33.29 -10.69
CA TYR A 285 -14.97 32.27 -9.86
C TYR A 285 -14.08 31.34 -10.68
N LEU A 286 -14.38 31.13 -11.95
CA LEU A 286 -13.70 30.13 -12.76
C LEU A 286 -12.77 30.71 -13.82
N TYR A 287 -13.20 31.75 -14.53
CA TYR A 287 -12.37 32.30 -15.60
C TYR A 287 -11.22 33.10 -15.01
N PRO A 288 -9.97 32.75 -15.28
CA PRO A 288 -8.83 33.40 -14.64
C PRO A 288 -8.23 34.55 -15.44
N ASP A 289 -7.44 35.36 -14.74
CA ASP A 289 -6.62 36.40 -15.34
C ASP A 289 -5.15 36.11 -15.06
N LEU A 290 -4.32 36.21 -16.10
CA LEU A 290 -2.89 35.97 -15.93
C LEU A 290 -2.21 37.15 -15.24
N SER A 291 -2.72 38.36 -15.44
CA SER A 291 -2.19 39.53 -14.73
C SER A 291 -2.38 39.40 -13.22
N ARG A 292 -3.48 38.76 -12.80
CA ARG A 292 -3.66 38.41 -11.40
C ARG A 292 -2.82 37.22 -10.97
N LEU A 293 -2.30 36.44 -11.92
CA LEU A 293 -1.33 35.39 -11.61
C LEU A 293 0.10 35.92 -11.52
N SER A 294 0.34 37.13 -11.99
CA SER A 294 1.70 37.69 -11.99
C SER A 294 2.25 37.94 -10.59
N ASP A 295 1.39 38.17 -9.57
CA ASP A 295 1.96 38.47 -8.27
C ASP A 295 2.19 37.20 -7.47
N PRO A 296 3.13 37.20 -6.51
CA PRO A 296 3.36 35.98 -5.73
C PRO A 296 2.35 35.73 -4.62
N GLN A 297 1.47 36.69 -4.34
CA GLN A 297 0.48 36.53 -3.27
C GLN A 297 -0.46 35.38 -3.58
N VAL A 298 -0.88 35.25 -4.83
CA VAL A 298 -1.81 34.19 -5.23
C VAL A 298 -1.15 32.82 -5.04
N TRP A 299 0.11 32.69 -5.47
CA TRP A 299 0.82 31.42 -5.34
C TRP A 299 1.04 31.05 -3.87
N VAL A 300 1.46 32.02 -3.06
CA VAL A 300 1.71 31.77 -1.64
C VAL A 300 0.42 31.37 -0.94
N ASP A 301 -0.67 32.10 -1.20
CA ASP A 301 -1.93 31.81 -0.54
C ASP A 301 -2.52 30.49 -1.00
N ALA A 302 -2.36 30.13 -2.28
CA ALA A 302 -2.85 28.84 -2.75
C ALA A 302 -2.09 27.69 -2.12
N GLY A 303 -0.75 27.78 -2.10
CA GLY A 303 0.04 26.71 -1.51
C GLY A 303 -0.21 26.54 -0.03
N THR A 304 -0.29 27.64 0.71
CA THR A 304 -0.51 27.50 2.13
C THR A 304 -1.98 27.27 2.48
N GLN A 305 -2.92 27.52 1.57
CA GLN A 305 -4.28 27.05 1.77
C GLN A 305 -4.37 25.55 1.58
N ILE A 306 -3.63 25.01 0.60
CA ILE A 306 -3.47 23.56 0.47
C ILE A 306 -2.89 22.97 1.76
N PHE A 307 -1.85 23.60 2.29
CA PHE A 307 -1.22 23.05 3.50
C PHE A 307 -2.11 23.21 4.73
N PHE A 308 -2.87 24.31 4.82
CA PHE A 308 -3.73 24.54 5.97
C PHE A 308 -4.95 23.64 5.98
N SER A 309 -5.62 23.49 4.84
CA SER A 309 -6.88 22.76 4.81
C SER A 309 -6.70 21.26 5.01
N TYR A 310 -5.52 20.73 4.73
CA TYR A 310 -5.24 19.31 4.90
C TYR A 310 -4.61 19.01 6.24
N ALA A 311 -4.49 20.03 7.11
CA ALA A 311 -3.72 20.00 8.36
C ALA A 311 -2.25 19.67 8.13
N ILE A 312 -1.75 19.92 6.91
CA ILE A 312 -0.36 19.64 6.57
C ILE A 312 0.54 20.66 7.26
N CYS A 313 1.60 20.17 7.91
CA CYS A 313 2.61 20.94 8.63
C CYS A 313 2.04 21.68 9.85
N LEU A 314 0.79 21.42 10.22
CA LEU A 314 0.26 21.96 11.46
C LEU A 314 0.83 21.22 12.65
N GLY A 315 0.90 19.89 12.58
CA GLY A 315 1.48 19.11 13.65
C GLY A 315 0.58 18.00 14.15
N CYS A 316 -0.70 18.06 13.79
CA CYS A 316 -1.65 17.04 14.23
C CYS A 316 -1.71 15.84 13.29
N LEU A 317 -1.10 15.92 12.11
CA LEU A 317 -1.14 14.79 11.19
C LEU A 317 -0.21 13.66 11.61
N THR A 318 0.94 13.99 12.21
CA THR A 318 1.81 12.96 12.76
C THR A 318 1.13 12.25 13.93
N ALA A 319 0.38 13.00 14.75
CA ALA A 319 -0.38 12.38 15.83
C ALA A 319 -1.55 11.56 15.29
N LEU A 320 -2.14 11.98 14.17
CA LEU A 320 -3.23 11.22 13.57
C LEU A 320 -2.75 9.88 13.03
N GLY A 321 -1.56 9.86 12.43
CA GLY A 321 -1.00 8.60 11.95
C GLY A 321 -0.65 7.65 13.07
N SER A 322 -0.22 8.19 14.22
CA SER A 322 0.12 7.37 15.37
C SER A 322 -1.09 6.67 15.97
N TYR A 323 -2.30 7.20 15.75
CA TYR A 323 -3.50 6.53 16.24
C TYR A 323 -3.76 5.23 15.49
N ASN A 324 -3.47 5.19 14.20
CA ASN A 324 -3.69 3.99 13.40
C ASN A 324 -2.65 2.92 13.73
N ASN A 325 -2.97 1.69 13.38
CA ASN A 325 -2.07 0.57 13.59
C ASN A 325 -0.95 0.60 12.56
N TYR A 326 0.01 -0.31 12.70
CA TYR A 326 1.19 -0.31 11.84
C TYR A 326 0.88 -0.77 10.42
N HIS A 327 -0.23 -1.46 10.20
CA HIS A 327 -0.54 -2.02 8.89
C HIS A 327 -1.72 -1.32 8.22
N ASN A 328 -2.04 -0.10 8.63
CA ASN A 328 -3.07 0.67 7.95
C ASN A 328 -2.56 1.17 6.61
N ASN A 329 -3.48 1.31 5.65
CA ASN A 329 -3.13 1.72 4.30
C ASN A 329 -3.01 3.24 4.26
N CYS A 330 -1.77 3.74 4.10
CA CYS A 330 -1.55 5.19 4.05
C CYS A 330 -2.01 5.77 2.71
N TYR A 331 -1.72 5.07 1.61
CA TYR A 331 -1.83 5.66 0.28
C TYR A 331 -3.27 5.92 -0.11
N ARG A 332 -4.14 4.91 0.05
CA ARG A 332 -5.54 5.06 -0.34
C ARG A 332 -6.25 6.08 0.54
N ASP A 333 -6.01 6.04 1.85
CA ASP A 333 -6.61 6.99 2.78
C ASP A 333 -6.16 8.41 2.46
N CYS A 334 -4.86 8.60 2.19
CA CYS A 334 -4.33 9.92 1.86
C CYS A 334 -4.96 10.45 0.58
N ILE A 335 -5.04 9.59 -0.45
CA ILE A 335 -5.58 10.02 -1.75
C ILE A 335 -7.05 10.43 -1.62
N MET A 336 -7.86 9.58 -0.96
CA MET A 336 -9.28 9.88 -0.90
C MET A 336 -9.58 11.05 0.03
N LEU A 337 -8.84 11.17 1.15
CA LEU A 337 -9.03 12.30 2.05
C LEU A 337 -8.66 13.61 1.38
N CYS A 338 -7.53 13.64 0.68
CA CYS A 338 -7.10 14.86 0.01
C CYS A 338 -8.04 15.25 -1.12
N CYS A 339 -8.48 14.28 -1.93
CA CYS A 339 -9.39 14.58 -3.03
C CYS A 339 -10.75 15.05 -2.53
N LEU A 340 -11.27 14.42 -1.47
CA LEU A 340 -12.57 14.84 -0.95
C LEU A 340 -12.49 16.20 -0.27
N ASN A 341 -11.36 16.51 0.39
CA ASN A 341 -11.20 17.84 0.97
C ASN A 341 -11.14 18.93 -0.11
N SER A 342 -10.42 18.66 -1.20
CA SER A 342 -10.39 19.61 -2.31
C SER A 342 -11.78 19.77 -2.92
N GLY A 343 -12.53 18.68 -3.03
CA GLY A 343 -13.87 18.74 -3.59
C GLY A 343 -14.83 19.55 -2.74
N THR A 344 -14.80 19.36 -1.43
CA THR A 344 -15.73 20.11 -0.59
C THR A 344 -15.32 21.59 -0.49
N SER A 345 -14.01 21.89 -0.56
CA SER A 345 -13.59 23.29 -0.66
C SER A 345 -14.11 23.91 -1.95
N PHE A 346 -14.05 23.15 -3.05
CA PHE A 346 -14.52 23.62 -4.34
C PHE A 346 -16.02 23.90 -4.31
N VAL A 347 -16.78 23.03 -3.64
CA VAL A 347 -18.24 23.18 -3.57
C VAL A 347 -18.63 24.41 -2.76
N ALA A 348 -17.97 24.61 -1.61
CA ALA A 348 -18.20 25.83 -0.83
C ALA A 348 -17.81 27.07 -1.63
N GLY A 349 -16.80 26.94 -2.49
CA GLY A 349 -16.45 28.02 -3.40
C GLY A 349 -17.57 28.37 -4.36
N PHE A 350 -18.18 27.34 -4.99
CA PHE A 350 -19.38 27.58 -5.79
C PHE A 350 -20.45 28.32 -5.01
N ALA A 351 -20.71 27.89 -3.78
CA ALA A 351 -21.81 28.47 -3.01
C ALA A 351 -21.59 29.94 -2.71
N ILE A 352 -20.42 30.27 -2.16
CA ILE A 352 -20.16 31.66 -1.78
C ILE A 352 -20.04 32.55 -3.02
N PHE A 353 -19.41 32.06 -4.09
CA PHE A 353 -19.24 32.93 -5.25
C PHE A 353 -20.53 33.11 -6.02
N SER A 354 -21.43 32.11 -6.02
CA SER A 354 -22.74 32.32 -6.62
C SER A 354 -23.54 33.35 -5.82
N VAL A 355 -23.46 33.28 -4.48
CA VAL A 355 -24.22 34.22 -3.65
C VAL A 355 -23.72 35.65 -3.86
N LEU A 356 -22.41 35.84 -3.87
CA LEU A 356 -21.91 37.21 -4.07
C LEU A 356 -22.04 37.65 -5.53
N GLY A 357 -22.16 36.73 -6.48
CA GLY A 357 -22.58 37.10 -7.82
C GLY A 357 -23.98 37.66 -7.84
N PHE A 358 -24.88 37.05 -7.06
CA PHE A 358 -26.22 37.64 -6.89
C PHE A 358 -26.15 39.01 -6.24
N MET A 359 -25.27 39.16 -5.25
CA MET A 359 -25.11 40.45 -4.58
C MET A 359 -24.64 41.53 -5.55
N ALA A 360 -23.68 41.19 -6.41
CA ALA A 360 -23.23 42.14 -7.42
C ALA A 360 -24.29 42.37 -8.49
N TYR A 361 -25.14 41.38 -8.74
CA TYR A 361 -26.24 41.59 -9.69
C TYR A 361 -27.27 42.56 -9.14
N GLU A 362 -27.64 42.41 -7.87
CA GLU A 362 -28.63 43.29 -7.27
C GLU A 362 -28.08 44.67 -6.97
N GLN A 363 -26.75 44.81 -6.84
CA GLN A 363 -26.15 46.13 -6.81
C GLN A 363 -25.77 46.54 -8.23
N GLY A 364 -25.18 47.72 -8.36
CA GLY A 364 -24.65 48.17 -9.64
C GLY A 364 -23.14 48.01 -9.69
N VAL A 365 -22.54 47.70 -8.55
CA VAL A 365 -21.09 47.56 -8.43
C VAL A 365 -20.69 46.24 -9.07
N PRO A 366 -19.50 46.13 -9.69
CA PRO A 366 -19.09 44.82 -10.21
C PRO A 366 -18.71 43.82 -9.13
N ILE A 367 -18.40 42.61 -9.56
CA ILE A 367 -18.21 41.47 -8.65
C ILE A 367 -16.95 41.65 -7.81
N ALA A 368 -15.95 42.38 -8.35
CA ALA A 368 -14.63 42.45 -7.73
C ALA A 368 -14.68 43.11 -6.35
N GLU A 369 -15.48 44.15 -6.18
CA GLU A 369 -15.64 44.81 -4.89
C GLU A 369 -17.12 44.87 -4.56
N VAL A 370 -17.64 43.78 -4.00
CA VAL A 370 -19.00 43.74 -3.47
C VAL A 370 -19.04 43.22 -2.04
N ALA A 371 -18.01 42.53 -1.57
CA ALA A 371 -17.90 42.06 -0.20
C ALA A 371 -16.65 42.67 0.42
N GLU A 372 -16.30 42.19 1.61
CA GLU A 372 -15.19 42.78 2.35
C GLU A 372 -13.84 42.36 1.79
N SER A 373 -13.75 41.14 1.26
CA SER A 373 -12.52 40.48 0.79
C SER A 373 -11.52 40.23 1.91
N GLY A 374 -11.90 40.53 3.16
CA GLY A 374 -11.16 40.11 4.31
C GLY A 374 -11.75 38.82 4.82
N PRO A 375 -11.22 38.28 5.92
CA PRO A 375 -11.70 36.98 6.42
C PRO A 375 -13.04 37.08 7.15
N GLY A 376 -14.03 37.61 6.44
CA GLY A 376 -15.39 37.67 6.94
C GLY A 376 -16.37 37.43 5.81
N LEU A 377 -15.84 36.93 4.68
CA LEU A 377 -16.67 36.63 3.52
C LEU A 377 -17.68 35.52 3.83
N ALA A 378 -17.25 34.50 4.56
CA ALA A 378 -18.18 33.47 5.00
C ALA A 378 -19.20 33.98 6.00
N PHE A 379 -18.93 35.13 6.62
CA PHE A 379 -19.87 35.80 7.50
C PHE A 379 -20.63 36.91 6.80
N ILE A 380 -20.53 36.99 5.47
CA ILE A 380 -21.26 37.96 4.67
C ILE A 380 -22.10 37.29 3.59
N ALA A 381 -21.51 36.35 2.84
CA ALA A 381 -22.25 35.67 1.79
C ALA A 381 -23.26 34.68 2.38
N TYR A 382 -22.82 33.86 3.34
CA TYR A 382 -23.74 32.95 4.01
C TYR A 382 -24.89 33.61 4.78
N PRO A 383 -24.71 34.68 5.56
CA PRO A 383 -25.89 35.37 6.10
C PRO A 383 -26.76 36.04 5.04
N LYS A 384 -26.23 36.34 3.86
CA LYS A 384 -27.06 36.84 2.78
C LYS A 384 -27.88 35.72 2.16
N ALA A 385 -27.28 34.52 2.04
CA ALA A 385 -27.97 33.40 1.41
C ALA A 385 -29.14 32.92 2.26
N VAL A 386 -28.96 32.86 3.57
CA VAL A 386 -30.02 32.37 4.44
C VAL A 386 -31.20 33.33 4.58
N THR A 387 -31.04 34.58 4.13
CA THR A 387 -32.19 35.49 4.14
C THR A 387 -33.20 35.13 3.07
N MET A 388 -32.74 34.55 1.96
CA MET A 388 -33.64 34.19 0.87
C MET A 388 -34.38 32.88 1.11
N MET A 389 -33.95 32.08 2.08
CA MET A 389 -34.69 30.87 2.42
C MET A 389 -36.02 31.22 3.09
N PRO A 390 -37.09 30.54 2.70
CA PRO A 390 -38.31 30.59 3.51
C PRO A 390 -38.04 29.98 4.88
N LEU A 391 -38.67 30.58 5.91
CA LEU A 391 -38.33 30.35 7.32
C LEU A 391 -36.84 30.56 7.54
N SER A 392 -36.41 31.80 7.31
CA SER A 392 -34.99 32.15 7.35
C SER A 392 -34.28 31.93 8.70
N PRO A 393 -34.84 32.30 9.87
CA PRO A 393 -34.06 32.11 11.12
C PRO A 393 -33.75 30.66 11.44
N LEU A 394 -34.60 29.72 11.03
CA LEU A 394 -34.32 28.30 11.25
C LEU A 394 -33.07 27.87 10.51
N TRP A 395 -32.97 28.21 9.23
CA TRP A 395 -31.79 27.86 8.46
C TRP A 395 -30.57 28.62 8.95
N ALA A 396 -30.77 29.85 9.43
CA ALA A 396 -29.66 30.62 9.96
C ALA A 396 -29.09 30.00 11.23
N THR A 397 -29.96 29.61 12.18
CA THR A 397 -29.45 29.01 13.41
C THR A 397 -28.89 27.61 13.17
N LEU A 398 -29.45 26.86 12.22
CA LEU A 398 -28.88 25.56 11.90
C LEU A 398 -27.51 25.71 11.25
N PHE A 399 -27.35 26.72 10.38
CA PHE A 399 -26.06 27.00 9.77
C PHE A 399 -25.02 27.43 10.80
N PHE A 400 -25.40 28.30 11.72
CA PHE A 400 -24.43 28.75 12.71
C PHE A 400 -24.09 27.63 13.69
N MET A 401 -25.04 26.75 13.98
CA MET A 401 -24.72 25.56 14.78
C MET A 401 -23.78 24.63 14.02
N MET A 402 -23.94 24.53 12.69
CA MET A 402 -22.99 23.78 11.87
C MET A 402 -21.59 24.35 12.00
N LEU A 403 -21.47 25.68 11.90
CA LEU A 403 -20.16 26.33 12.00
C LEU A 403 -19.54 26.10 13.37
N ILE A 404 -20.36 26.19 14.43
CA ILE A 404 -19.88 25.90 15.77
C ILE A 404 -19.36 24.47 15.89
N PHE A 405 -20.11 23.51 15.34
CA PHE A 405 -19.69 22.11 15.44
C PHE A 405 -18.40 21.84 14.68
N LEU A 406 -18.31 22.30 13.42
CA LEU A 406 -17.13 21.99 12.63
C LEU A 406 -15.94 22.87 12.97
N GLY A 407 -16.13 23.94 13.74
CA GLY A 407 -14.98 24.65 14.26
C GLY A 407 -14.52 24.05 15.57
N LEU A 408 -15.48 23.62 16.39
CA LEU A 408 -15.16 23.03 17.68
C LEU A 408 -14.45 21.69 17.54
N ASP A 409 -14.80 20.91 16.52
CA ASP A 409 -14.12 19.62 16.31
C ASP A 409 -12.64 19.84 15.98
N SER A 410 -12.35 20.78 15.08
CA SER A 410 -10.97 21.06 14.71
C SER A 410 -10.20 21.69 15.86
N GLN A 411 -10.85 22.60 16.61
CA GLN A 411 -10.19 23.19 17.77
C GLN A 411 -9.90 22.14 18.85
N PHE A 412 -10.84 21.21 19.05
CA PHE A 412 -10.66 20.13 20.01
C PHE A 412 -9.48 19.23 19.63
N VAL A 413 -9.43 18.81 18.36
CA VAL A 413 -8.33 17.91 17.98
C VAL A 413 -6.99 18.67 17.98
N CYS A 414 -7.01 19.97 17.66
CA CYS A 414 -5.78 20.76 17.69
C CYS A 414 -5.24 20.90 19.11
N VAL A 415 -6.11 21.28 20.06
CA VAL A 415 -5.65 21.46 21.43
C VAL A 415 -5.30 20.12 22.07
N GLU A 416 -5.99 19.04 21.67
CA GLU A 416 -5.66 17.72 22.19
C GLU A 416 -4.30 17.25 21.69
N SER A 417 -4.01 17.47 20.41
CA SER A 417 -2.69 17.14 19.87
C SER A 417 -1.60 17.97 20.54
N LEU A 418 -1.87 19.26 20.76
CA LEU A 418 -0.88 20.12 21.41
C LEU A 418 -0.60 19.67 22.85
N VAL A 419 -1.65 19.35 23.61
CA VAL A 419 -1.45 18.99 25.00
C VAL A 419 -0.81 17.60 25.11
N THR A 420 -1.16 16.67 24.22
CA THR A 420 -0.53 15.36 24.29
C THR A 420 0.92 15.42 23.84
N ALA A 421 1.26 16.33 22.92
CA ALA A 421 2.65 16.50 22.54
C ALA A 421 3.47 17.15 23.65
N VAL A 422 2.90 18.14 24.34
CA VAL A 422 3.67 18.81 25.38
C VAL A 422 3.78 17.95 26.64
N VAL A 423 2.84 17.02 26.88
CA VAL A 423 3.02 16.08 27.99
C VAL A 423 3.82 14.84 27.59
N ASP A 424 3.95 14.57 26.29
CA ASP A 424 4.89 13.54 25.87
C ASP A 424 6.33 14.05 25.94
N MET A 425 6.53 15.32 25.61
CA MET A 425 7.88 15.88 25.66
C MET A 425 8.30 16.15 27.10
N TYR A 426 7.35 16.45 27.98
CA TYR A 426 7.54 16.49 29.42
C TYR A 426 6.76 15.36 30.09
N PRO A 427 7.30 14.14 30.12
CA PRO A 427 6.56 13.00 30.66
C PRO A 427 6.55 12.89 32.18
N LYS A 428 7.64 13.27 32.83
CA LYS A 428 7.82 12.98 34.24
C LYS A 428 7.17 13.98 35.17
N VAL A 429 6.56 15.04 34.64
CA VAL A 429 5.99 16.10 35.47
C VAL A 429 4.47 16.16 35.35
N PHE A 430 3.93 15.95 34.16
CA PHE A 430 2.49 16.10 33.91
C PHE A 430 1.76 14.77 33.88
N ARG A 431 2.43 13.66 34.20
CA ARG A 431 1.78 12.35 34.22
C ARG A 431 1.94 11.66 35.55
N ARG A 432 2.20 12.40 36.62
CA ARG A 432 2.42 11.82 37.94
C ARG A 432 1.67 12.49 39.07
N GLY A 433 1.16 13.70 38.89
CA GLY A 433 0.51 14.40 39.99
C GLY A 433 -0.90 14.88 39.69
N TYR A 434 -1.51 14.32 38.64
CA TYR A 434 -2.86 14.64 38.19
C TYR A 434 -3.01 16.14 37.90
N ARG A 435 -2.25 16.59 36.91
CA ARG A 435 -2.25 18.00 36.53
C ARG A 435 -2.38 18.20 35.03
N ARG A 436 -2.78 17.18 34.27
CA ARG A 436 -3.02 17.35 32.85
C ARG A 436 -4.23 18.24 32.59
N GLU A 437 -5.32 18.04 33.34
CA GLU A 437 -6.48 18.92 33.22
C GLU A 437 -6.17 20.33 33.72
N LEU A 438 -5.31 20.45 34.73
CA LEU A 438 -4.85 21.76 35.16
C LEU A 438 -4.06 22.46 34.07
N LEU A 439 -3.21 21.71 33.35
CA LEU A 439 -2.47 22.28 32.22
C LEU A 439 -3.41 22.71 31.12
N ILE A 440 -4.45 21.91 30.84
CA ILE A 440 -5.42 22.27 29.82
C ILE A 440 -6.17 23.54 30.20
N LEU A 441 -6.57 23.65 31.47
CA LEU A 441 -7.26 24.86 31.94
C LEU A 441 -6.35 26.08 31.87
N ALA A 442 -5.08 25.92 32.27
CA ALA A 442 -4.14 27.03 32.20
C ALA A 442 -3.88 27.47 30.76
N LEU A 443 -3.76 26.50 29.85
CA LEU A 443 -3.56 26.83 28.44
C LEU A 443 -4.79 27.51 27.86
N SER A 444 -5.99 27.08 28.26
CA SER A 444 -7.21 27.73 27.80
C SER A 444 -7.30 29.16 28.30
N VAL A 445 -6.95 29.39 29.57
CA VAL A 445 -6.98 30.74 30.13
C VAL A 445 -5.95 31.63 29.43
N ILE A 446 -4.75 31.10 29.19
CA ILE A 446 -3.69 31.87 28.53
C ILE A 446 -4.08 32.23 27.10
N SER A 447 -4.62 31.26 26.35
CA SER A 447 -5.02 31.54 24.98
C SER A 447 -6.29 32.39 24.91
N TYR A 448 -7.11 32.40 25.97
CA TYR A 448 -8.24 33.31 26.01
C TYR A 448 -7.78 34.75 26.26
N PHE A 449 -6.82 34.93 27.17
CA PHE A 449 -6.33 36.28 27.44
C PHE A 449 -5.51 36.83 26.27
N LEU A 450 -4.70 35.99 25.62
CA LEU A 450 -4.00 36.46 24.43
C LEU A 450 -4.94 36.56 23.23
N GLY A 451 -6.04 35.80 23.24
CA GLY A 451 -6.97 35.86 22.13
C GLY A 451 -7.88 37.06 22.15
N LEU A 452 -8.03 37.71 23.31
CA LEU A 452 -8.98 38.82 23.44
C LEU A 452 -8.50 40.09 22.75
N VAL A 453 -7.23 40.17 22.35
CA VAL A 453 -6.72 41.38 21.72
C VAL A 453 -7.29 41.57 20.32
N MET A 454 -7.82 40.50 19.70
CA MET A 454 -8.39 40.61 18.37
C MET A 454 -9.87 40.96 18.39
N LEU A 455 -10.51 40.99 19.55
CA LEU A 455 -11.94 41.21 19.65
C LEU A 455 -12.29 42.68 19.79
N THR A 456 -11.30 43.57 19.79
CA THR A 456 -11.54 44.99 20.02
C THR A 456 -12.08 45.63 18.74
N GLU A 457 -12.18 46.96 18.75
CA GLU A 457 -12.68 47.68 17.58
C GLU A 457 -11.71 47.57 16.42
N GLY A 458 -10.41 47.62 16.69
CA GLY A 458 -9.39 47.46 15.67
C GLY A 458 -8.70 46.12 15.66
N GLY A 459 -9.19 45.14 16.39
CA GLY A 459 -8.55 43.85 16.46
C GLY A 459 -8.72 42.98 15.24
N MET A 460 -9.60 43.38 14.32
CA MET A 460 -9.78 42.65 13.08
C MET A 460 -8.51 42.68 12.23
N TYR A 461 -7.80 43.81 12.24
CA TYR A 461 -6.53 43.88 11.53
C TYR A 461 -5.49 42.95 12.14
N ILE A 462 -5.47 42.83 13.46
CA ILE A 462 -4.57 41.90 14.12
C ILE A 462 -4.91 40.45 13.75
N PHE A 463 -6.20 40.13 13.71
CA PHE A 463 -6.61 38.80 13.28
C PHE A 463 -6.23 38.53 11.83
N GLN A 464 -6.37 39.53 10.97
CA GLN A 464 -5.98 39.37 9.57
C GLN A 464 -4.48 39.15 9.43
N LEU A 465 -3.70 39.91 10.19
CA LEU A 465 -2.24 39.75 10.17
C LEU A 465 -1.83 38.37 10.62
N PHE A 466 -2.41 37.89 11.73
CA PHE A 466 -1.99 36.58 12.22
C PHE A 466 -2.56 35.44 11.37
N ASP A 467 -3.69 35.66 10.72
CA ASP A 467 -4.21 34.66 9.79
C ASP A 467 -3.33 34.55 8.56
N SER A 468 -2.84 35.68 8.04
CA SER A 468 -1.97 35.63 6.87
C SER A 468 -0.54 35.26 7.20
N TYR A 469 -0.10 35.41 8.46
CA TYR A 469 1.32 35.22 8.75
C TYR A 469 1.63 34.18 9.81
N ALA A 470 0.64 33.46 10.36
CA ALA A 470 0.94 32.48 11.39
C ALA A 470 0.74 31.04 10.93
N ALA A 471 -0.48 30.66 10.59
CA ALA A 471 -0.72 29.36 9.94
C ALA A 471 -0.87 29.53 8.44
N SER A 472 0.08 30.23 7.82
CA SER A 472 0.00 30.59 6.41
C SER A 472 1.33 31.18 5.98
N GLY A 473 1.50 31.25 4.67
CA GLY A 473 2.65 31.92 4.09
C GLY A 473 3.96 31.23 4.38
N MET A 474 4.91 32.03 4.88
CA MET A 474 6.29 31.61 4.95
C MET A 474 6.51 30.52 5.99
N CYS A 475 5.68 30.48 7.03
CA CYS A 475 5.81 29.45 8.05
C CYS A 475 5.56 28.06 7.46
N LEU A 476 4.41 27.89 6.80
CA LEU A 476 4.07 26.60 6.20
C LEU A 476 5.00 26.27 5.05
N LEU A 477 5.38 27.29 4.25
CA LEU A 477 6.31 27.03 3.15
C LEU A 477 7.67 26.54 3.66
N PHE A 478 8.21 27.20 4.68
CA PHE A 478 9.51 26.80 5.22
C PHE A 478 9.45 25.43 5.89
N VAL A 479 8.38 25.15 6.64
CA VAL A 479 8.26 23.85 7.29
C VAL A 479 8.13 22.74 6.26
N ALA A 480 7.35 22.95 5.20
CA ALA A 480 7.24 21.93 4.17
C ALA A 480 8.55 21.75 3.41
N ILE A 481 9.26 22.84 3.14
CA ILE A 481 10.56 22.76 2.48
C ILE A 481 11.52 21.91 3.29
N PHE A 482 11.64 22.20 4.58
CA PHE A 482 12.61 21.47 5.39
C PHE A 482 12.17 20.04 5.68
N GLU A 483 10.85 19.80 5.76
CA GLU A 483 10.33 18.45 5.90
C GLU A 483 10.69 17.58 4.70
N CYS A 484 10.39 18.07 3.50
CA CYS A 484 10.67 17.29 2.30
C CYS A 484 12.16 17.16 2.03
N ILE A 485 12.95 18.21 2.34
CA ILE A 485 14.40 18.09 2.21
C ILE A 485 14.96 17.06 3.18
N CYS A 486 14.47 17.05 4.42
CA CYS A 486 14.89 16.06 5.41
C CYS A 486 14.62 14.65 4.93
N ILE A 487 13.38 14.38 4.49
CA ILE A 487 13.02 13.02 4.08
C ILE A 487 13.76 12.62 2.81
N GLY A 488 13.81 13.51 1.81
CA GLY A 488 14.38 13.13 0.52
C GLY A 488 15.89 13.18 0.45
N TRP A 489 16.55 13.79 1.43
CA TRP A 489 17.99 13.84 1.31
C TRP A 489 18.73 13.35 2.55
N VAL A 490 18.21 13.61 3.75
CA VAL A 490 18.94 13.26 4.96
C VAL A 490 18.60 11.85 5.41
N TYR A 491 17.31 11.55 5.56
CA TYR A 491 16.90 10.18 5.88
C TYR A 491 17.03 9.26 4.68
N GLY A 492 16.98 9.79 3.47
CA GLY A 492 17.06 8.97 2.28
C GLY A 492 15.68 8.55 1.80
N SER A 493 15.37 8.82 0.53
CA SER A 493 14.06 8.45 0.01
C SER A 493 13.94 6.94 -0.18
N ASN A 494 15.05 6.26 -0.44
CA ASN A 494 15.01 4.80 -0.59
C ASN A 494 14.69 4.12 0.74
N ARG A 495 15.30 4.59 1.83
CA ARG A 495 15.03 4.02 3.15
C ARG A 495 13.58 4.27 3.57
N PHE A 496 13.07 5.47 3.32
CA PHE A 496 11.69 5.75 3.67
C PHE A 496 10.71 5.00 2.79
N SER A 497 11.04 4.82 1.51
CA SER A 497 10.20 4.01 0.64
C SER A 497 10.18 2.55 1.09
N GLU A 498 11.32 2.05 1.56
CA GLU A 498 11.37 0.70 2.11
C GLU A 498 10.52 0.60 3.39
N ASP A 499 10.57 1.64 4.24
CA ASP A 499 9.73 1.65 5.44
C ASP A 499 8.24 1.66 5.07
N ILE A 500 7.87 2.44 4.06
CA ILE A 500 6.49 2.47 3.59
C ILE A 500 6.08 1.11 3.02
N ARG A 501 6.99 0.45 2.31
CA ARG A 501 6.73 -0.89 1.79
C ARG A 501 6.52 -1.88 2.93
N ASP A 502 7.31 -1.76 3.99
CA ASP A 502 7.12 -2.63 5.15
C ASP A 502 5.81 -2.33 5.87
N MET A 503 5.38 -1.08 5.86
CA MET A 503 4.17 -0.69 6.57
C MET A 503 2.91 -1.11 5.82
N ILE A 504 2.72 -0.60 4.60
CA ILE A 504 1.47 -0.76 3.89
C ILE A 504 1.51 -1.88 2.86
N GLY A 505 2.68 -2.41 2.53
CA GLY A 505 2.76 -3.52 1.59
C GLY A 505 3.49 -3.16 0.31
N PHE A 506 3.30 -1.96 -0.20
CA PHE A 506 3.87 -1.56 -1.47
C PHE A 506 4.59 -0.22 -1.34
N PRO A 507 5.67 -0.02 -2.10
CA PRO A 507 6.40 1.24 -2.01
C PRO A 507 5.64 2.35 -2.70
N PRO A 508 6.04 3.61 -2.49
CA PRO A 508 5.43 4.70 -3.24
C PRO A 508 5.72 4.56 -4.73
N PRO A 509 4.85 5.11 -5.59
CA PRO A 509 4.96 4.84 -7.04
C PRO A 509 6.06 5.61 -7.75
N SER A 510 6.99 6.17 -6.97
CA SER A 510 8.21 6.88 -7.38
C SER A 510 7.91 8.27 -7.96
N LEU A 511 6.65 8.56 -8.24
CA LEU A 511 6.27 9.94 -8.52
C LEU A 511 6.29 10.75 -7.23
N ILE A 512 5.76 10.18 -6.15
CA ILE A 512 5.87 10.81 -4.83
C ILE A 512 7.31 10.86 -4.38
N LYS A 513 8.12 9.86 -4.76
CA LYS A 513 9.54 9.89 -4.42
C LYS A 513 10.25 11.04 -5.11
N TRP A 514 10.05 11.19 -6.43
CA TRP A 514 10.65 12.33 -7.13
C TRP A 514 10.07 13.66 -6.67
N CYS A 515 8.83 13.66 -6.21
CA CYS A 515 8.26 14.85 -5.60
C CYS A 515 8.99 15.22 -4.32
N TRP A 516 9.34 14.21 -3.51
CA TRP A 516 10.10 14.46 -2.29
C TRP A 516 11.50 14.97 -2.60
N MET A 517 12.13 14.44 -3.65
CA MET A 517 13.48 14.89 -3.98
C MET A 517 13.47 16.30 -4.57
N ILE A 518 12.85 16.47 -5.74
CA ILE A 518 13.14 17.66 -6.55
C ILE A 518 11.91 18.51 -6.82
N MET A 519 10.71 17.92 -6.78
CA MET A 519 9.55 18.67 -7.24
C MET A 519 8.98 19.56 -6.14
N THR A 520 8.58 18.96 -5.02
CA THR A 520 7.96 19.75 -3.94
C THR A 520 8.92 20.75 -3.30
N PRO A 521 10.14 20.40 -2.85
CA PRO A 521 11.02 21.47 -2.33
C PRO A 521 11.43 22.47 -3.38
N GLY A 522 11.57 22.04 -4.64
CA GLY A 522 11.91 22.98 -5.70
C GLY A 522 10.82 24.02 -5.92
N ILE A 523 9.57 23.57 -6.01
CA ILE A 523 8.48 24.51 -6.25
C ILE A 523 8.22 25.37 -5.03
N CYS A 524 8.38 24.82 -3.82
CA CYS A 524 8.11 25.62 -2.62
C CYS A 524 9.21 26.64 -2.38
N ALA A 525 10.47 26.26 -2.64
CA ALA A 525 11.56 27.23 -2.57
C ALA A 525 11.42 28.30 -3.66
N GLY A 526 10.95 27.91 -4.85
CA GLY A 526 10.70 28.90 -5.89
C GLY A 526 9.63 29.89 -5.50
N ILE A 527 8.54 29.40 -4.89
CA ILE A 527 7.48 30.29 -4.45
C ILE A 527 7.96 31.19 -3.30
N PHE A 528 8.78 30.64 -2.40
CA PHE A 528 9.35 31.44 -1.32
C PHE A 528 10.23 32.56 -1.84
N ILE A 529 11.14 32.23 -2.77
CA ILE A 529 12.03 33.23 -3.34
C ILE A 529 11.26 34.25 -4.15
N PHE A 530 10.24 33.79 -4.89
CA PHE A 530 9.42 34.69 -5.71
C PHE A 530 8.61 35.64 -4.84
N PHE A 531 8.16 35.19 -3.68
CA PHE A 531 7.52 36.10 -2.74
C PHE A 531 8.51 37.08 -2.14
N LEU A 532 9.74 36.62 -1.89
CA LEU A 532 10.71 37.46 -1.21
C LEU A 532 11.24 38.57 -2.12
N ILE A 533 11.41 38.28 -3.42
CA ILE A 533 12.03 39.29 -4.28
C ILE A 533 10.99 40.30 -4.77
N LYS A 534 9.80 39.84 -5.15
CA LYS A 534 8.72 40.74 -5.60
C LYS A 534 7.73 40.89 -4.45
N TYR A 535 8.13 41.70 -3.46
CA TYR A 535 7.29 41.90 -2.29
C TYR A 535 6.11 42.79 -2.65
N LYS A 536 4.91 42.35 -2.26
CA LYS A 536 3.71 43.14 -2.40
C LYS A 536 3.07 43.34 -1.03
N PRO A 537 2.83 44.57 -0.61
CA PRO A 537 2.32 44.79 0.75
C PRO A 537 0.89 44.29 0.91
N LEU A 538 0.58 43.89 2.14
CA LEU A 538 -0.71 43.29 2.47
C LEU A 538 -1.73 44.38 2.78
N LYS A 539 -2.90 44.29 2.18
CA LYS A 539 -3.99 45.22 2.41
C LYS A 539 -5.23 44.46 2.86
N TYR A 540 -5.88 44.95 3.92
CA TYR A 540 -7.03 44.26 4.51
C TYR A 540 -8.23 44.20 3.57
N ASN A 541 -8.85 45.33 3.30
CA ASN A 541 -9.97 45.39 2.35
C ASN A 541 -9.48 45.77 0.97
N ASN A 542 -8.39 45.12 0.55
CA ASN A 542 -7.69 45.29 -0.72
C ASN A 542 -7.09 46.68 -0.92
N ILE A 543 -7.47 47.64 -0.08
CA ILE A 543 -6.83 48.94 0.07
C ILE A 543 -6.74 49.31 1.56
N TYR A 544 -5.63 48.98 2.20
CA TYR A 544 -5.38 49.54 3.51
C TYR A 544 -3.97 50.09 3.67
N THR A 545 -2.97 49.42 3.10
CA THR A 545 -1.56 49.82 3.15
C THR A 545 -1.09 49.95 4.60
N TYR A 546 -0.99 48.78 5.25
CA TYR A 546 -0.64 48.58 6.66
C TYR A 546 0.53 49.44 7.13
N PRO A 547 0.54 49.86 8.39
CA PRO A 547 1.69 50.58 8.91
C PRO A 547 2.91 49.68 8.99
N ALA A 548 4.08 50.34 9.05
CA ALA A 548 5.35 49.60 9.03
C ALA A 548 5.53 48.73 10.26
N TRP A 549 5.03 49.16 11.42
CA TRP A 549 5.18 48.34 12.62
C TRP A 549 4.22 47.15 12.59
N GLY A 550 3.09 47.26 11.88
CA GLY A 550 2.24 46.11 11.70
C GLY A 550 2.89 45.02 10.85
N TYR A 551 3.53 45.42 9.75
CA TYR A 551 4.33 44.47 8.98
C TYR A 551 5.50 43.94 9.80
N GLY A 552 6.06 44.79 10.66
CA GLY A 552 7.14 44.34 11.53
C GLY A 552 6.71 43.25 12.49
N ILE A 553 5.56 43.42 13.14
CA ILE A 553 5.11 42.40 14.09
C ILE A 553 4.64 41.16 13.35
N GLY A 554 4.05 41.32 12.16
CA GLY A 554 3.65 40.15 11.37
C GLY A 554 4.84 39.32 10.93
N TRP A 555 5.87 39.98 10.39
CA TRP A 555 7.09 39.27 10.02
C TRP A 555 7.82 38.73 11.23
N LEU A 556 7.73 39.41 12.37
CA LEU A 556 8.38 38.94 13.59
C LEU A 556 7.76 37.62 14.04
N MET A 557 6.43 37.54 14.07
CA MET A 557 5.84 36.29 14.51
C MET A 557 5.92 35.20 13.44
N ALA A 558 5.93 35.58 12.16
CA ALA A 558 6.16 34.60 11.10
C ALA A 558 7.55 34.01 11.17
N LEU A 559 8.55 34.84 11.48
CA LEU A 559 9.90 34.34 11.69
C LEU A 559 9.97 33.47 12.94
N SER A 560 9.34 33.92 14.03
CA SER A 560 9.34 33.15 15.27
C SER A 560 8.62 31.81 15.13
N SER A 561 7.74 31.67 14.14
CA SER A 561 7.14 30.37 13.87
C SER A 561 8.07 29.44 13.08
N MET A 562 9.06 30.00 12.37
CA MET A 562 9.87 29.20 11.47
C MET A 562 11.38 29.35 11.68
N LEU A 563 11.83 30.18 12.62
CA LEU A 563 13.26 30.19 12.94
C LEU A 563 13.62 29.13 13.97
N CYS A 564 12.67 28.33 14.41
CA CYS A 564 12.95 27.35 15.45
C CYS A 564 13.68 26.14 14.89
N ILE A 565 13.70 25.96 13.58
CA ILE A 565 14.47 24.87 12.96
C ILE A 565 15.97 25.20 12.93
N PRO A 566 16.44 26.33 12.37
CA PRO A 566 17.88 26.59 12.42
C PRO A 566 18.40 26.86 13.82
N LEU A 567 17.56 27.41 14.70
CA LEU A 567 17.97 27.59 16.09
C LEU A 567 18.20 26.25 16.77
N TRP A 568 17.31 25.28 16.54
CA TRP A 568 17.50 23.96 17.13
C TRP A 568 18.69 23.25 16.51
N ILE A 569 18.92 23.45 15.20
CA ILE A 569 20.10 22.89 14.56
C ILE A 569 21.36 23.44 15.20
N CYS A 570 21.40 24.75 15.44
CA CYS A 570 22.57 25.38 16.05
C CYS A 570 22.80 24.89 17.47
N ILE A 571 21.75 24.77 18.28
CA ILE A 571 22.00 24.36 19.66
C ILE A 571 22.27 22.87 19.74
N THR A 572 21.78 22.08 18.78
CA THR A 572 22.14 20.66 18.75
C THR A 572 23.59 20.48 18.34
N VAL A 573 24.08 21.31 17.42
CA VAL A 573 25.49 21.27 17.06
C VAL A 573 26.35 21.71 18.23
N TRP A 574 25.94 22.78 18.93
CA TRP A 574 26.73 23.30 20.04
C TRP A 574 26.73 22.36 21.23
N LYS A 575 25.61 21.69 21.50
CA LYS A 575 25.50 20.86 22.71
C LYS A 575 26.36 19.61 22.63
N THR A 576 26.31 18.91 21.50
CA THR A 576 27.10 17.70 21.28
C THR A 576 28.05 17.97 20.12
N GLU A 577 29.30 18.30 20.44
CA GLU A 577 30.30 18.65 19.44
C GLU A 577 31.40 17.59 19.41
N GLY A 578 31.65 17.06 18.22
CA GLY A 578 32.72 16.11 18.00
C GLY A 578 33.43 16.38 16.69
N THR A 579 33.53 17.67 16.33
CA THR A 579 33.94 18.22 15.03
C THR A 579 32.92 17.91 13.94
N LEU A 580 33.00 18.62 12.81
CA LEU A 580 31.90 18.69 11.85
C LEU A 580 31.51 17.35 11.21
N PRO A 581 32.42 16.51 10.68
CA PRO A 581 31.93 15.28 10.04
C PRO A 581 31.36 14.28 11.04
N GLU A 582 31.98 14.14 12.21
CA GLU A 582 31.41 13.27 13.23
C GLU A 582 30.09 13.81 13.76
N LYS A 583 29.96 15.14 13.86
CA LYS A 583 28.70 15.74 14.28
C LYS A 583 27.58 15.44 13.29
N LEU A 584 27.84 15.62 11.99
CA LEU A 584 26.80 15.34 11.00
C LEU A 584 26.51 13.86 10.89
N GLN A 585 27.52 13.00 11.12
CA GLN A 585 27.28 11.56 11.10
C GLN A 585 26.44 11.12 12.29
N LYS A 586 26.71 11.65 13.48
CA LYS A 586 25.94 11.27 14.66
C LYS A 586 24.58 11.94 14.73
N LEU A 587 24.36 13.00 13.95
CA LEU A 587 23.04 13.62 13.91
C LEU A 587 22.19 13.10 12.77
N THR A 588 22.81 12.63 11.68
CA THR A 588 22.06 12.06 10.57
C THR A 588 21.50 10.68 10.94
N THR A 589 22.21 9.93 11.77
CA THR A 589 21.82 8.55 12.08
C THR A 589 20.55 8.53 12.91
N PRO A 590 19.53 7.75 12.51
CA PRO A 590 18.29 7.66 13.31
C PRO A 590 18.50 6.94 14.62
N SER A 591 17.49 6.99 15.50
CA SER A 591 17.60 6.48 16.86
C SER A 591 16.68 5.27 17.03
N THR A 592 17.21 4.23 17.67
CA THR A 592 16.52 2.99 18.04
C THR A 592 15.93 2.32 16.80
N ASP A 593 14.85 1.56 16.98
CA ASP A 593 14.19 0.85 15.89
C ASP A 593 13.01 1.62 15.32
N LEU A 594 12.84 2.87 15.73
CA LEU A 594 11.75 3.76 15.29
C LEU A 594 10.37 3.17 15.55
N GLU B 1 14.30 -11.57 -20.75
CA GLU B 1 14.13 -10.25 -20.13
C GLU B 1 14.70 -10.22 -18.72
N VAL B 2 13.98 -10.85 -17.79
CA VAL B 2 14.40 -10.93 -16.40
C VAL B 2 14.70 -12.39 -16.09
N GLN B 3 15.93 -12.66 -15.64
CA GLN B 3 16.39 -14.03 -15.39
C GLN B 3 16.84 -14.13 -13.94
N LEU B 4 16.14 -14.93 -13.15
CA LEU B 4 16.52 -15.21 -11.77
C LEU B 4 17.27 -16.54 -11.68
N VAL B 5 18.46 -16.57 -12.28
CA VAL B 5 19.27 -17.78 -12.24
C VAL B 5 19.85 -17.96 -10.83
N GLU B 6 19.99 -19.22 -10.42
CA GLU B 6 20.42 -19.55 -9.07
C GLU B 6 21.59 -20.51 -9.12
N SER B 7 22.29 -20.64 -8.00
CA SER B 7 23.42 -21.55 -7.89
C SER B 7 23.44 -22.23 -6.53
N GLY B 8 24.53 -22.94 -6.24
CA GLY B 8 24.64 -23.63 -4.98
C GLY B 8 23.82 -24.92 -4.96
N GLY B 9 23.73 -25.49 -3.77
CA GLY B 9 22.98 -26.71 -3.56
C GLY B 9 23.77 -27.96 -3.92
N GLY B 10 23.37 -29.06 -3.33
CA GLY B 10 24.02 -30.33 -3.52
C GLY B 10 23.76 -31.24 -2.34
N LEU B 11 24.71 -32.13 -2.09
CA LEU B 11 24.58 -33.07 -0.97
C LEU B 11 25.41 -32.57 0.20
N VAL B 12 24.78 -32.48 1.38
CA VAL B 12 25.45 -32.07 2.60
C VAL B 12 25.11 -33.05 3.71
N LYS B 13 26.00 -33.14 4.68
CA LYS B 13 25.79 -34.01 5.83
C LYS B 13 24.75 -33.39 6.76
N PRO B 14 24.02 -34.21 7.52
CA PRO B 14 23.10 -33.65 8.53
C PRO B 14 23.86 -32.90 9.61
N GLY B 15 23.32 -31.75 9.99
CA GLY B 15 24.01 -30.86 10.91
C GLY B 15 25.05 -29.97 10.27
N GLY B 16 25.22 -30.04 8.95
CA GLY B 16 26.21 -29.25 8.26
C GLY B 16 25.73 -27.88 7.87
N SER B 17 26.31 -27.29 6.82
CA SER B 17 25.94 -25.96 6.38
C SER B 17 26.16 -25.83 4.89
N LEU B 18 25.47 -24.87 4.28
CA LEU B 18 25.57 -24.61 2.85
C LEU B 18 25.25 -23.14 2.59
N LYS B 19 25.73 -22.64 1.44
CA LYS B 19 25.57 -21.24 1.07
C LYS B 19 25.03 -21.17 -0.34
N LEU B 20 23.73 -20.91 -0.47
CA LEU B 20 23.09 -20.79 -1.78
C LEU B 20 23.24 -19.38 -2.32
N SER B 21 23.23 -19.26 -3.64
CA SER B 21 23.43 -17.98 -4.31
C SER B 21 22.35 -17.77 -5.37
N CYS B 22 21.73 -16.60 -5.36
CA CYS B 22 20.79 -16.20 -6.39
C CYS B 22 21.34 -15.01 -7.14
N ALA B 23 21.48 -15.13 -8.46
CA ALA B 23 21.93 -14.04 -9.31
C ALA B 23 20.72 -13.45 -10.03
N ALA B 24 20.51 -12.16 -9.85
CA ALA B 24 19.40 -11.47 -10.49
C ALA B 24 19.94 -10.47 -11.51
N SER B 25 19.23 -10.36 -12.63
CA SER B 25 19.68 -9.49 -13.72
C SER B 25 18.47 -9.05 -14.53
N GLY B 26 18.68 -7.99 -15.32
CA GLY B 26 17.63 -7.44 -16.15
C GLY B 26 16.71 -6.47 -15.46
N PHE B 27 16.95 -6.15 -14.19
CA PHE B 27 16.11 -5.22 -13.46
C PHE B 27 16.92 -4.65 -12.29
N THR B 28 16.36 -3.61 -11.68
CA THR B 28 17.00 -2.97 -10.53
C THR B 28 16.83 -3.88 -9.32
N PHE B 29 17.91 -4.56 -8.92
CA PHE B 29 17.84 -5.51 -7.82
C PHE B 29 17.63 -4.83 -6.48
N SER B 30 18.12 -3.61 -6.32
CA SER B 30 18.00 -2.91 -5.05
C SER B 30 16.61 -2.31 -4.83
N SER B 31 15.76 -2.29 -5.85
CA SER B 31 14.43 -1.70 -5.74
C SER B 31 13.32 -2.72 -5.59
N TYR B 32 13.65 -4.01 -5.43
CA TYR B 32 12.66 -5.05 -5.23
C TYR B 32 13.13 -5.99 -4.13
N ALA B 33 12.21 -6.37 -3.24
CA ALA B 33 12.54 -7.31 -2.19
C ALA B 33 12.66 -8.71 -2.75
N MET B 34 13.15 -9.63 -1.91
CA MET B 34 13.45 -10.98 -2.33
C MET B 34 12.98 -11.97 -1.27
N SER B 35 12.75 -13.21 -1.72
CA SER B 35 12.36 -14.27 -0.82
C SER B 35 12.87 -15.60 -1.36
N TRP B 36 13.06 -16.55 -0.45
CA TRP B 36 13.44 -17.91 -0.80
C TRP B 36 12.29 -18.84 -0.46
N VAL B 37 11.77 -19.54 -1.46
CA VAL B 37 10.66 -20.46 -1.29
C VAL B 37 11.15 -21.87 -1.65
N ARG B 38 11.00 -22.80 -0.71
CA ARG B 38 11.45 -24.17 -0.91
C ARG B 38 10.28 -25.06 -1.27
N GLN B 39 10.60 -26.19 -1.91
CA GLN B 39 9.61 -27.17 -2.32
C GLN B 39 10.02 -28.54 -1.82
N SER B 40 9.24 -29.11 -0.93
CA SER B 40 9.52 -30.43 -0.37
C SER B 40 9.40 -31.50 -1.46
N PRO B 41 10.04 -32.65 -1.27
CA PRO B 41 9.87 -33.76 -2.23
C PRO B 41 8.44 -34.27 -2.33
N GLU B 42 7.59 -34.01 -1.33
CA GLU B 42 6.16 -34.29 -1.42
C GLU B 42 5.38 -33.20 -2.14
N LYS B 43 6.09 -32.30 -2.86
CA LYS B 43 5.50 -31.21 -3.64
C LYS B 43 4.66 -30.27 -2.75
N ARG B 44 5.15 -30.04 -1.54
CA ARG B 44 4.54 -29.09 -0.61
C ARG B 44 5.39 -27.84 -0.57
N LEU B 45 4.80 -26.70 -0.95
CA LEU B 45 5.51 -25.43 -1.02
C LEU B 45 5.39 -24.70 0.30
N GLU B 46 6.49 -24.08 0.73
CA GLU B 46 6.46 -23.27 1.93
C GLU B 46 7.52 -22.18 1.83
N TRP B 47 7.24 -21.04 2.45
CA TRP B 47 8.12 -19.88 2.42
C TRP B 47 9.16 -19.99 3.53
N VAL B 48 10.39 -19.59 3.21
CA VAL B 48 11.52 -19.80 4.13
C VAL B 48 11.99 -18.46 4.72
N ALA B 49 12.36 -17.52 3.85
CA ALA B 49 12.91 -16.25 4.32
C ALA B 49 12.48 -15.15 3.38
N GLU B 50 12.64 -13.91 3.84
CA GLU B 50 12.37 -12.74 3.00
C GLU B 50 13.22 -11.58 3.47
N ILE B 51 13.94 -10.96 2.54
CA ILE B 51 14.73 -9.77 2.82
C ILE B 51 14.13 -8.60 2.05
N SER B 52 14.21 -7.42 2.65
CA SER B 52 13.62 -6.24 2.04
C SER B 52 14.55 -5.67 0.97
N SER B 53 14.09 -4.59 0.32
CA SER B 53 14.89 -3.96 -0.74
C SER B 53 16.10 -3.24 -0.19
N GLY B 54 16.09 -2.84 1.08
CA GLY B 54 17.24 -2.20 1.67
C GLY B 54 18.17 -3.21 2.32
N GLY B 55 17.62 -4.07 3.16
CA GLY B 55 18.40 -5.13 3.77
C GLY B 55 18.31 -5.18 5.28
N ARG B 56 17.40 -4.42 5.87
CA ARG B 56 17.24 -4.39 7.31
C ARG B 56 15.88 -4.88 7.80
N TYR B 57 14.95 -5.20 6.90
CA TYR B 57 13.67 -5.77 7.28
C TYR B 57 13.64 -7.23 6.81
N ILE B 58 13.94 -8.14 7.74
CA ILE B 58 14.12 -9.55 7.43
C ILE B 58 13.14 -10.37 8.26
N TYR B 59 12.39 -11.25 7.61
CA TYR B 59 11.45 -12.12 8.28
C TYR B 59 11.75 -13.58 7.97
N TYR B 60 11.40 -14.45 8.89
CA TYR B 60 11.63 -15.88 8.77
C TYR B 60 10.38 -16.64 9.16
N SER B 61 10.25 -17.86 8.65
CA SER B 61 9.17 -18.73 9.07
C SER B 61 9.52 -19.40 10.41
N ASP B 62 8.50 -19.95 11.06
CA ASP B 62 8.68 -20.54 12.38
C ASP B 62 9.46 -21.84 12.36
N THR B 63 9.65 -22.45 11.19
CA THR B 63 10.34 -23.73 11.09
C THR B 63 11.83 -23.59 10.83
N VAL B 64 12.28 -22.44 10.30
CA VAL B 64 13.69 -22.23 10.00
C VAL B 64 14.27 -21.03 10.71
N THR B 65 13.53 -20.40 11.62
CA THR B 65 14.05 -19.23 12.32
C THR B 65 15.20 -19.63 13.26
N GLY B 66 16.18 -18.75 13.36
CA GLY B 66 17.36 -18.98 14.17
C GLY B 66 18.48 -19.71 13.46
N ARG B 67 18.15 -20.76 12.71
CA ARG B 67 19.15 -21.55 12.01
C ARG B 67 19.45 -21.04 10.60
N PHE B 68 18.59 -20.20 10.05
CA PHE B 68 18.72 -19.71 8.68
C PHE B 68 19.00 -18.22 8.71
N THR B 69 19.95 -17.79 7.90
CA THR B 69 20.23 -16.37 7.71
C THR B 69 20.29 -16.05 6.23
N ILE B 70 19.75 -14.89 5.86
CA ILE B 70 19.65 -14.46 4.47
C ILE B 70 20.42 -13.15 4.32
N SER B 71 21.29 -13.10 3.34
CA SER B 71 22.12 -11.92 3.08
C SER B 71 21.63 -11.24 1.81
N ARG B 72 22.34 -10.19 1.42
CA ARG B 72 22.03 -9.44 0.21
C ARG B 72 23.27 -8.70 -0.24
N ASP B 73 23.28 -8.31 -1.52
CA ASP B 73 24.35 -7.48 -2.05
C ASP B 73 23.77 -6.72 -3.25
N ASN B 74 23.46 -5.44 -3.02
CA ASN B 74 22.85 -4.61 -4.05
C ASN B 74 23.87 -4.14 -5.10
N ALA B 75 25.16 -4.33 -4.86
CA ALA B 75 26.18 -3.86 -5.79
C ALA B 75 26.35 -4.81 -6.96
N ARG B 76 26.57 -6.09 -6.69
CA ARG B 76 26.77 -7.10 -7.72
C ARG B 76 25.48 -7.78 -8.14
N ASN B 77 24.34 -7.35 -7.58
CA ASN B 77 23.02 -7.88 -7.89
C ASN B 77 22.94 -9.39 -7.61
N ILE B 78 23.26 -9.76 -6.37
CA ILE B 78 23.29 -11.16 -5.97
C ILE B 78 22.54 -11.30 -4.65
N LEU B 79 22.10 -12.53 -4.39
CA LEU B 79 21.36 -12.86 -3.19
C LEU B 79 21.95 -14.12 -2.56
N HIS B 80 21.81 -14.26 -1.26
CA HIS B 80 22.41 -15.37 -0.54
C HIS B 80 21.43 -15.93 0.48
N LEU B 81 21.66 -17.18 0.87
CA LEU B 81 20.89 -17.82 1.94
C LEU B 81 21.80 -18.84 2.61
N GLU B 82 22.27 -18.52 3.81
CA GLU B 82 23.18 -19.39 4.55
C GLU B 82 22.41 -20.09 5.67
N MET B 83 22.59 -21.40 5.76
CA MET B 83 21.86 -22.22 6.72
C MET B 83 22.84 -22.95 7.64
N SER B 84 22.36 -23.27 8.83
CA SER B 84 23.15 -24.02 9.80
C SER B 84 22.26 -25.07 10.45
N SER B 85 22.90 -26.16 10.91
CA SER B 85 22.25 -27.29 11.57
C SER B 85 21.14 -27.89 10.70
N LEU B 86 21.53 -28.28 9.48
CA LEU B 86 20.59 -28.89 8.55
C LEU B 86 20.22 -30.29 9.01
N ARG B 87 18.92 -30.55 9.13
CA ARG B 87 18.41 -31.87 9.45
C ARG B 87 17.89 -32.54 8.18
N SER B 88 17.24 -33.68 8.34
CA SER B 88 16.63 -34.36 7.21
C SER B 88 15.25 -33.80 6.85
N GLU B 89 14.75 -32.84 7.63
CA GLU B 89 13.42 -32.29 7.40
C GLU B 89 13.41 -31.12 6.44
N ASP B 90 14.51 -30.38 6.33
CA ASP B 90 14.58 -29.22 5.45
C ASP B 90 15.36 -29.50 4.17
N THR B 91 15.25 -30.72 3.64
CA THR B 91 15.73 -31.00 2.29
C THR B 91 14.61 -30.72 1.30
N ALA B 92 14.96 -30.00 0.23
CA ALA B 92 13.97 -29.43 -0.68
C ALA B 92 14.69 -28.97 -1.94
N MET B 93 13.97 -28.26 -2.79
CA MET B 93 14.55 -27.54 -3.92
C MET B 93 14.17 -26.08 -3.77
N TYR B 94 15.16 -25.21 -3.58
CA TYR B 94 14.90 -23.84 -3.16
C TYR B 94 14.76 -22.93 -4.38
N TYR B 95 13.69 -22.14 -4.41
CA TYR B 95 13.46 -21.16 -5.45
C TYR B 95 13.89 -19.78 -4.99
N CYS B 96 14.13 -18.90 -5.95
CA CYS B 96 14.49 -17.51 -5.68
C CYS B 96 13.36 -16.64 -6.22
N ALA B 97 12.32 -16.45 -5.41
CA ALA B 97 11.19 -15.64 -5.81
C ALA B 97 11.50 -14.16 -5.64
N ARG B 98 10.72 -13.32 -6.30
CA ARG B 98 10.87 -11.87 -6.22
C ARG B 98 9.51 -11.27 -5.88
N GLY B 99 9.37 -10.75 -4.67
CA GLY B 99 8.15 -10.08 -4.31
C GLY B 99 8.40 -8.77 -3.57
N GLU B 100 7.98 -7.66 -4.17
CA GLU B 100 8.11 -6.35 -3.55
C GLU B 100 6.76 -5.77 -3.16
N VAL B 101 5.83 -5.67 -4.10
CA VAL B 101 4.49 -5.21 -3.80
C VAL B 101 3.71 -6.37 -3.21
N ARG B 102 3.19 -6.18 -1.99
CA ARG B 102 2.47 -7.25 -1.32
C ARG B 102 1.09 -7.50 -1.92
N GLN B 103 0.59 -6.60 -2.78
CA GLN B 103 -0.63 -6.84 -3.53
C GLN B 103 -0.35 -7.46 -4.90
N ARG B 104 0.92 -7.74 -5.20
CA ARG B 104 1.33 -8.33 -6.47
C ARG B 104 1.81 -9.76 -6.35
N GLY B 105 2.47 -10.10 -5.25
CA GLY B 105 2.96 -11.46 -5.04
C GLY B 105 4.33 -11.69 -5.64
N PHE B 106 4.79 -12.93 -5.50
CA PHE B 106 6.07 -13.36 -6.04
C PHE B 106 5.90 -13.51 -7.56
N ASP B 107 6.08 -12.39 -8.26
CA ASP B 107 5.72 -12.37 -9.68
C ASP B 107 6.74 -13.09 -10.56
N TYR B 108 8.03 -12.95 -10.26
CA TYR B 108 9.08 -13.56 -11.05
C TYR B 108 9.84 -14.56 -10.19
N TRP B 109 9.82 -15.83 -10.59
CA TRP B 109 10.45 -16.91 -9.86
C TRP B 109 11.75 -17.31 -10.55
N GLY B 110 12.50 -18.18 -9.89
CA GLY B 110 13.80 -18.62 -10.36
C GLY B 110 13.74 -19.93 -11.10
N GLN B 111 14.86 -20.66 -11.07
CA GLN B 111 14.96 -21.95 -11.72
C GLN B 111 14.89 -23.11 -10.74
N GLY B 112 15.61 -23.02 -9.62
CA GLY B 112 15.56 -24.05 -8.61
C GLY B 112 16.85 -24.83 -8.48
N THR B 113 17.41 -24.88 -7.27
CA THR B 113 18.60 -25.65 -6.99
C THR B 113 18.26 -26.77 -6.02
N THR B 114 18.52 -28.02 -6.43
CA THR B 114 18.19 -29.17 -5.60
C THR B 114 19.15 -29.25 -4.42
N LEU B 115 18.58 -29.47 -3.24
CA LEU B 115 19.35 -29.60 -2.01
C LEU B 115 18.99 -30.91 -1.34
N THR B 116 20.00 -31.71 -1.01
CA THR B 116 19.80 -33.03 -0.42
C THR B 116 20.60 -33.13 0.87
N VAL B 117 19.93 -33.49 1.96
CA VAL B 117 20.58 -33.74 3.23
C VAL B 117 20.37 -35.21 3.58
N SER B 118 21.46 -35.95 3.74
CA SER B 118 21.39 -37.36 4.09
C SER B 118 22.72 -37.79 4.69
N SER B 119 22.68 -38.88 5.44
CA SER B 119 23.87 -39.51 5.98
C SER B 119 24.50 -40.50 5.00
N ALA B 120 23.91 -40.67 3.83
CA ALA B 120 24.42 -41.61 2.83
C ALA B 120 25.61 -40.99 2.09
N LYS B 121 26.22 -41.80 1.24
CA LYS B 121 27.44 -41.41 0.53
C LYS B 121 27.16 -41.34 -0.97
N THR B 122 27.99 -40.55 -1.65
CA THR B 122 27.87 -40.42 -3.10
C THR B 122 28.43 -41.67 -3.77
N THR B 123 27.65 -42.25 -4.68
CA THR B 123 28.04 -43.45 -5.41
C THR B 123 27.87 -43.22 -6.90
N ALA B 124 28.84 -43.68 -7.69
CA ALA B 124 28.79 -43.51 -9.12
C ALA B 124 27.66 -44.35 -9.72
N PRO B 125 26.98 -43.85 -10.75
CA PRO B 125 25.87 -44.61 -11.34
C PRO B 125 26.36 -45.81 -12.13
N SER B 126 25.50 -46.81 -12.24
CA SER B 126 25.77 -48.02 -13.00
C SER B 126 24.71 -48.14 -14.10
N VAL B 127 25.07 -47.76 -15.32
CA VAL B 127 24.13 -47.81 -16.43
C VAL B 127 24.06 -49.24 -16.95
N TYR B 128 22.86 -49.80 -16.96
CA TYR B 128 22.65 -51.19 -17.37
C TYR B 128 21.83 -51.22 -18.65
N PRO B 129 22.38 -51.70 -19.76
CA PRO B 129 21.58 -51.81 -20.99
C PRO B 129 20.52 -52.89 -20.89
N LEU B 130 19.47 -52.75 -21.68
CA LEU B 130 18.34 -53.67 -21.69
C LEU B 130 18.06 -54.14 -23.10
N ALA B 131 17.96 -55.47 -23.29
CA ALA B 131 17.71 -56.08 -24.59
C ALA B 131 16.24 -56.43 -24.74
N PRO B 132 15.66 -56.31 -25.93
CA PRO B 132 14.25 -56.66 -26.11
C PRO B 132 14.00 -58.16 -26.13
N VAL B 133 12.72 -58.55 -26.23
CA VAL B 133 12.38 -59.97 -26.30
C VAL B 133 12.71 -60.52 -27.69
N CYS B 134 12.71 -61.84 -27.79
CA CYS B 134 12.98 -62.51 -29.06
C CYS B 134 11.88 -63.52 -29.38
N GLY B 139 7.77 -58.21 -32.08
CA GLY B 139 6.54 -57.62 -32.56
C GLY B 139 6.75 -56.57 -33.64
N SER B 140 5.85 -55.59 -33.70
CA SER B 140 5.94 -54.53 -34.69
C SER B 140 6.72 -53.34 -34.17
N SER B 141 6.30 -52.78 -33.04
CA SER B 141 6.97 -51.63 -32.42
C SER B 141 7.96 -52.17 -31.40
N VAL B 142 9.20 -52.34 -31.82
CA VAL B 142 10.24 -52.86 -30.93
C VAL B 142 10.74 -51.73 -30.04
N THR B 143 10.71 -51.95 -28.73
CA THR B 143 11.09 -50.94 -27.75
C THR B 143 12.41 -51.30 -27.09
N LEU B 144 13.09 -50.29 -26.55
CA LEU B 144 14.38 -50.44 -25.94
C LEU B 144 14.42 -49.71 -24.61
N GLY B 145 15.21 -50.25 -23.67
CA GLY B 145 15.24 -49.72 -22.32
C GLY B 145 16.65 -49.49 -21.83
N CYS B 146 16.75 -48.70 -20.77
CA CYS B 146 18.03 -48.32 -20.18
C CYS B 146 17.77 -47.94 -18.72
N LEU B 147 18.21 -48.78 -17.79
CA LEU B 147 18.00 -48.50 -16.38
C LEU B 147 19.32 -48.18 -15.70
N VAL B 148 19.28 -47.23 -14.78
CA VAL B 148 20.43 -46.82 -13.99
C VAL B 148 20.13 -47.16 -12.54
N LYS B 149 20.97 -48.02 -11.94
CA LYS B 149 20.75 -48.51 -10.59
C LYS B 149 21.98 -48.23 -9.75
N GLY B 150 21.77 -47.66 -8.56
CA GLY B 150 22.84 -47.43 -7.62
C GLY B 150 23.58 -46.12 -7.81
N TYR B 151 22.86 -45.02 -7.74
CA TYR B 151 23.47 -43.69 -7.79
C TYR B 151 22.90 -42.84 -6.67
N PHE B 152 23.61 -41.74 -6.37
CA PHE B 152 23.17 -40.80 -5.34
C PHE B 152 23.91 -39.49 -5.55
N PRO B 153 23.26 -38.33 -5.41
CA PRO B 153 21.84 -38.11 -5.16
C PRO B 153 21.06 -37.59 -6.36
N GLU B 154 19.81 -37.24 -6.12
CA GLU B 154 18.99 -36.55 -7.11
C GLU B 154 19.61 -35.19 -7.43
N PRO B 155 19.65 -34.79 -8.71
CA PRO B 155 19.13 -35.45 -9.90
C PRO B 155 20.16 -36.04 -10.86
N VAL B 156 19.67 -36.75 -11.87
CA VAL B 156 20.45 -37.25 -12.98
C VAL B 156 19.69 -36.93 -14.26
N THR B 157 20.36 -36.27 -15.20
CA THR B 157 19.77 -35.95 -16.50
C THR B 157 20.05 -37.11 -17.45
N LEU B 158 18.99 -37.73 -17.96
CA LEU B 158 19.13 -38.87 -18.85
C LEU B 158 18.36 -38.60 -20.14
N THR B 159 19.02 -38.83 -21.27
CA THR B 159 18.39 -38.75 -22.58
C THR B 159 18.68 -40.03 -23.35
N TRP B 160 18.38 -40.05 -24.64
CA TRP B 160 18.72 -41.16 -25.52
C TRP B 160 19.47 -40.64 -26.73
N ASN B 161 20.56 -41.32 -27.08
CA ASN B 161 21.47 -40.95 -28.17
C ASN B 161 21.98 -39.52 -28.02
N SER B 162 22.39 -39.20 -26.79
CA SER B 162 22.95 -37.89 -26.42
C SER B 162 22.00 -36.75 -26.75
N GLY B 163 20.72 -36.93 -26.46
CA GLY B 163 19.73 -35.91 -26.66
C GLY B 163 19.18 -35.80 -28.07
N SER B 164 19.65 -36.62 -29.01
CA SER B 164 19.14 -36.56 -30.37
C SER B 164 17.74 -37.15 -30.48
N LEU B 165 17.36 -38.04 -29.58
CA LEU B 165 16.05 -38.68 -29.59
C LEU B 165 15.24 -38.15 -28.41
N SER B 166 14.10 -37.54 -28.70
CA SER B 166 13.23 -37.02 -27.65
C SER B 166 11.76 -37.29 -27.90
N SER B 167 11.41 -38.03 -28.95
CA SER B 167 10.03 -38.38 -29.25
C SER B 167 9.81 -39.86 -28.94
N GLY B 168 8.75 -40.16 -28.21
CA GLY B 168 8.49 -41.52 -27.77
C GLY B 168 9.30 -41.97 -26.58
N VAL B 169 9.95 -41.03 -25.88
CA VAL B 169 10.76 -41.35 -24.70
C VAL B 169 9.90 -41.11 -23.45
N HIS B 170 10.04 -42.00 -22.47
CA HIS B 170 9.36 -41.86 -21.19
C HIS B 170 10.35 -42.14 -20.07
N THR B 171 10.62 -41.14 -19.26
CA THR B 171 11.50 -41.27 -18.11
C THR B 171 10.69 -41.57 -16.86
N PHE B 172 11.39 -41.99 -15.80
CA PHE B 172 10.74 -42.31 -14.55
C PHE B 172 11.43 -41.61 -13.40
N PRO B 173 10.68 -41.12 -12.42
CA PRO B 173 11.31 -40.49 -11.25
C PRO B 173 12.07 -41.50 -10.42
N ALA B 174 13.10 -41.00 -9.74
CA ALA B 174 13.91 -41.85 -8.88
C ALA B 174 13.12 -42.32 -7.66
N VAL B 175 13.47 -43.50 -7.17
CA VAL B 175 12.81 -44.10 -6.02
C VAL B 175 13.85 -44.36 -4.94
N LEU B 176 13.50 -44.04 -3.69
CA LEU B 176 14.42 -44.13 -2.57
C LEU B 176 14.14 -45.41 -1.79
N GLN B 177 15.13 -46.31 -1.76
CA GLN B 177 15.10 -47.44 -0.85
C GLN B 177 16.54 -47.88 -0.58
N SER B 178 16.80 -48.20 0.69
CA SER B 178 18.13 -48.60 1.18
C SER B 178 19.19 -47.53 0.90
N ASP B 179 18.77 -46.25 0.93
CA ASP B 179 19.62 -45.09 0.69
C ASP B 179 20.30 -45.13 -0.68
N LEU B 180 19.61 -45.71 -1.67
CA LEU B 180 20.09 -45.72 -3.06
C LEU B 180 18.94 -45.34 -3.99
N TYR B 181 19.31 -44.89 -5.19
CA TYR B 181 18.34 -44.48 -6.19
C TYR B 181 18.39 -45.41 -7.39
N THR B 182 17.26 -45.48 -8.09
CA THR B 182 17.14 -46.27 -9.31
C THR B 182 16.32 -45.47 -10.32
N LEU B 183 16.84 -45.37 -11.54
CA LEU B 183 16.16 -44.64 -12.61
C LEU B 183 16.15 -45.49 -13.87
N SER B 184 15.09 -45.36 -14.66
CA SER B 184 14.94 -46.08 -15.90
C SER B 184 14.31 -45.18 -16.94
N SER B 185 14.46 -45.56 -18.20
CA SER B 185 13.81 -44.86 -19.30
C SER B 185 13.65 -45.83 -20.46
N SER B 186 12.53 -45.69 -21.18
CA SER B 186 12.24 -46.55 -22.32
C SER B 186 11.81 -45.69 -23.49
N VAL B 187 12.11 -46.17 -24.70
CA VAL B 187 11.76 -45.49 -25.93
C VAL B 187 11.02 -46.46 -26.84
N THR B 188 10.26 -45.90 -27.78
CA THR B 188 9.50 -46.66 -28.75
C THR B 188 10.14 -46.49 -30.12
N VAL B 189 10.39 -47.62 -30.80
CA VAL B 189 10.96 -47.61 -32.13
C VAL B 189 10.16 -48.56 -33.02
N THR B 190 10.24 -48.31 -34.33
CA THR B 190 9.55 -49.15 -35.29
C THR B 190 10.39 -50.38 -35.62
N SER B 191 9.83 -51.25 -36.46
CA SER B 191 10.53 -52.46 -36.85
C SER B 191 11.73 -52.16 -37.74
N SER B 192 11.62 -51.16 -38.61
CA SER B 192 12.71 -50.82 -39.52
C SER B 192 13.85 -50.09 -38.82
N THR B 193 13.55 -49.36 -37.74
CA THR B 193 14.57 -48.55 -37.08
C THR B 193 15.57 -49.42 -36.30
N TRP B 194 15.08 -50.46 -35.64
CA TRP B 194 15.93 -51.30 -34.80
C TRP B 194 15.85 -52.75 -35.27
N PRO B 195 16.98 -53.48 -35.31
CA PRO B 195 18.34 -53.06 -34.94
C PRO B 195 19.14 -52.50 -36.10
N SER B 196 18.48 -51.87 -37.08
CA SER B 196 19.19 -51.25 -38.19
C SER B 196 20.01 -50.05 -37.72
N GLN B 197 19.46 -49.24 -36.84
CA GLN B 197 20.15 -48.06 -36.33
C GLN B 197 20.66 -48.35 -34.92
N SER B 198 21.93 -48.04 -34.68
CA SER B 198 22.55 -48.25 -33.37
C SER B 198 22.02 -47.20 -32.40
N ILE B 199 21.16 -47.62 -31.49
CA ILE B 199 20.57 -46.73 -30.50
C ILE B 199 21.33 -46.89 -29.18
N THR B 200 21.82 -45.79 -28.64
CA THR B 200 22.60 -45.81 -27.41
C THR B 200 21.95 -44.92 -26.35
N CYS B 201 22.30 -45.20 -25.10
CA CYS B 201 21.73 -44.51 -23.94
C CYS B 201 22.84 -43.77 -23.21
N ASN B 202 22.65 -42.48 -22.97
CA ASN B 202 23.64 -41.65 -22.30
C ASN B 202 23.13 -41.21 -20.95
N VAL B 203 24.05 -40.91 -20.04
CA VAL B 203 23.73 -40.51 -18.67
C VAL B 203 24.53 -39.26 -18.36
N ALA B 204 24.04 -38.49 -17.39
CA ALA B 204 24.72 -37.27 -16.95
C ALA B 204 24.47 -37.10 -15.45
N HIS B 205 25.46 -37.51 -14.64
CA HIS B 205 25.37 -37.37 -13.19
C HIS B 205 26.29 -36.25 -12.74
N PRO B 206 25.76 -35.13 -12.25
CA PRO B 206 26.64 -34.00 -11.89
C PRO B 206 27.44 -34.23 -10.62
N ALA B 207 26.89 -34.98 -9.65
CA ALA B 207 27.58 -35.17 -8.38
C ALA B 207 28.67 -36.22 -8.44
N SER B 208 28.75 -36.99 -9.52
CA SER B 208 29.82 -37.97 -9.69
C SER B 208 30.62 -37.77 -10.96
N SER B 209 30.20 -36.83 -11.83
CA SER B 209 30.88 -36.51 -13.09
C SER B 209 31.03 -37.73 -13.98
N THR B 210 29.98 -38.54 -14.06
CA THR B 210 30.00 -39.78 -14.84
C THR B 210 29.33 -39.55 -16.18
N LYS B 211 29.97 -40.03 -17.25
CA LYS B 211 29.45 -39.92 -18.61
C LYS B 211 29.82 -41.21 -19.35
N VAL B 212 28.86 -42.14 -19.42
CA VAL B 212 29.04 -43.41 -20.11
C VAL B 212 27.88 -43.60 -21.08
N ASP B 213 28.16 -44.23 -22.22
CA ASP B 213 27.16 -44.52 -23.25
C ASP B 213 27.15 -46.01 -23.53
N LYS B 214 25.95 -46.61 -23.49
CA LYS B 214 25.77 -48.04 -23.69
C LYS B 214 24.78 -48.29 -24.82
N LYS B 215 25.14 -49.21 -25.71
CA LYS B 215 24.26 -49.70 -26.76
C LYS B 215 24.25 -51.22 -26.72
N ILE B 216 23.07 -51.81 -26.88
CA ILE B 216 22.88 -53.24 -26.64
C ILE B 216 22.59 -53.92 -27.98
N GLU B 217 22.96 -55.20 -28.06
CA GLU B 217 22.67 -56.10 -29.17
C GLU B 217 21.58 -57.09 -28.76
N PRO B 218 20.75 -57.55 -29.72
CA PRO B 218 19.67 -58.48 -29.35
C PRO B 218 20.19 -59.87 -28.99
N ARG B 219 20.66 -60.04 -27.77
CA ARG B 219 21.14 -61.33 -27.29
C ARG B 219 19.97 -62.22 -26.87
N GLU C 1 0.75 -17.89 11.60
CA GLU C 1 0.57 -19.11 10.84
C GLU C 1 -0.87 -19.26 10.36
N ASN C 2 -1.19 -18.62 9.25
CA ASN C 2 -2.51 -18.74 8.65
C ASN C 2 -2.51 -20.00 7.79
N VAL C 3 -2.91 -21.11 8.41
CA VAL C 3 -2.84 -22.43 7.76
C VAL C 3 -3.90 -22.49 6.67
N LEU C 4 -3.46 -22.45 5.42
CA LEU C 4 -4.35 -22.55 4.27
C LEU C 4 -4.49 -24.00 3.87
N THR C 5 -5.72 -24.41 3.55
CA THR C 5 -6.00 -25.75 3.06
C THR C 5 -6.77 -25.65 1.76
N GLN C 6 -6.66 -26.70 0.95
CA GLN C 6 -7.31 -26.75 -0.36
C GLN C 6 -7.99 -28.08 -0.54
N SER C 7 -9.18 -28.05 -1.15
CA SER C 7 -9.97 -29.25 -1.38
C SER C 7 -10.61 -29.19 -2.76
N PRO C 8 -10.56 -30.28 -3.54
CA PRO C 8 -9.85 -31.54 -3.27
C PRO C 8 -8.38 -31.44 -3.66
N ALA C 9 -7.53 -32.30 -3.09
CA ALA C 9 -6.11 -32.27 -3.44
C ALA C 9 -5.88 -32.78 -4.85
N ILE C 10 -6.69 -33.74 -5.29
CA ILE C 10 -6.59 -34.31 -6.64
C ILE C 10 -7.95 -34.18 -7.31
N MET C 11 -7.94 -33.72 -8.56
CA MET C 11 -9.16 -33.59 -9.34
C MET C 11 -8.82 -33.81 -10.81
N SER C 12 -9.83 -34.23 -11.58
CA SER C 12 -9.67 -34.49 -13.00
C SER C 12 -10.80 -33.82 -13.76
N THR C 13 -10.46 -33.10 -14.83
CA THR C 13 -11.43 -32.36 -15.62
C THR C 13 -11.30 -32.73 -17.08
N SER C 14 -12.43 -33.00 -17.73
CA SER C 14 -12.45 -33.10 -19.18
C SER C 14 -12.31 -31.70 -19.79
N PRO C 15 -11.76 -31.60 -21.00
CA PRO C 15 -11.64 -30.28 -21.64
C PRO C 15 -12.99 -29.64 -21.90
N GLY C 16 -13.04 -28.32 -21.78
CA GLY C 16 -14.28 -27.57 -21.96
C GLY C 16 -15.33 -27.84 -20.91
N GLU C 17 -14.95 -27.88 -19.63
CA GLU C 17 -15.86 -28.19 -18.55
C GLU C 17 -15.70 -27.16 -17.44
N LYS C 18 -16.81 -26.89 -16.74
CA LYS C 18 -16.78 -26.00 -15.59
C LYS C 18 -15.96 -26.61 -14.46
N VAL C 19 -15.16 -25.79 -13.81
CA VAL C 19 -14.32 -26.23 -12.70
C VAL C 19 -14.06 -25.05 -11.78
N THR C 20 -14.06 -25.30 -10.47
CA THR C 20 -13.84 -24.27 -9.48
C THR C 20 -13.08 -24.88 -8.30
N MET C 21 -11.85 -24.41 -8.08
CA MET C 21 -11.08 -24.83 -6.91
C MET C 21 -11.43 -23.94 -5.71
N THR C 22 -10.84 -24.24 -4.57
CA THR C 22 -11.08 -23.43 -3.38
C THR C 22 -9.82 -23.45 -2.51
N CYS C 23 -9.75 -22.48 -1.60
CA CYS C 23 -8.65 -22.35 -0.65
C CYS C 23 -9.24 -21.79 0.65
N ARG C 24 -9.41 -22.67 1.63
CA ARG C 24 -10.00 -22.27 2.90
C ARG C 24 -8.92 -21.84 3.88
N ALA C 25 -9.03 -20.60 4.37
CA ALA C 25 -8.06 -20.04 5.29
C ALA C 25 -8.48 -20.29 6.73
N SER C 26 -7.49 -20.53 7.58
CA SER C 26 -7.76 -20.72 9.01
C SER C 26 -8.20 -19.42 9.66
N SER C 27 -7.48 -18.34 9.41
CA SER C 27 -7.80 -17.03 9.95
C SER C 27 -8.27 -16.10 8.84
N SER C 28 -8.79 -14.94 9.25
CA SER C 28 -9.25 -13.95 8.29
C SER C 28 -8.07 -13.32 7.56
N VAL C 29 -8.22 -13.16 6.24
CA VAL C 29 -7.18 -12.59 5.40
C VAL C 29 -7.81 -11.51 4.54
N GLY C 30 -7.00 -10.54 4.15
CA GLY C 30 -7.50 -9.45 3.32
C GLY C 30 -7.88 -9.92 1.93
N SER C 31 -8.82 -9.20 1.32
CA SER C 31 -9.28 -9.55 -0.02
C SER C 31 -8.28 -9.18 -1.10
N SER C 32 -7.28 -8.36 -0.78
CA SER C 32 -6.27 -7.95 -1.74
C SER C 32 -4.89 -8.51 -1.42
N TYR C 33 -4.80 -9.50 -0.55
CA TYR C 33 -3.52 -10.09 -0.16
C TYR C 33 -3.37 -11.54 -0.58
N LEU C 34 -4.45 -12.24 -0.90
CA LEU C 34 -4.39 -13.65 -1.26
C LEU C 34 -4.10 -13.80 -2.75
N HIS C 35 -3.13 -14.64 -3.08
CA HIS C 35 -2.66 -14.81 -4.44
C HIS C 35 -2.77 -16.29 -4.84
N TRP C 36 -2.73 -16.53 -6.15
CA TRP C 36 -2.82 -17.87 -6.69
C TRP C 36 -1.69 -18.12 -7.67
N TYR C 37 -1.07 -19.29 -7.57
CA TYR C 37 0.09 -19.66 -8.37
C TYR C 37 -0.23 -20.88 -9.21
N GLN C 38 0.63 -21.15 -10.19
CA GLN C 38 0.48 -22.31 -11.05
C GLN C 38 1.86 -22.90 -11.32
N GLN C 39 2.06 -24.15 -10.94
CA GLN C 39 3.34 -24.83 -11.11
C GLN C 39 3.16 -26.02 -12.04
N LYS C 40 3.82 -25.96 -13.19
CA LYS C 40 3.80 -27.09 -14.11
C LYS C 40 4.62 -28.25 -13.55
N SER C 41 4.41 -29.43 -14.10
CA SER C 41 5.10 -30.63 -13.65
C SER C 41 6.55 -30.58 -14.11
N GLY C 42 7.45 -30.21 -13.20
CA GLY C 42 8.85 -30.12 -13.52
C GLY C 42 9.30 -28.73 -13.93
N ALA C 43 8.71 -27.70 -13.32
CA ALA C 43 9.04 -26.33 -13.64
C ALA C 43 8.73 -25.46 -12.44
N SER C 44 9.28 -24.24 -12.48
CA SER C 44 9.05 -23.29 -11.40
C SER C 44 7.62 -22.74 -11.46
N PRO C 45 7.02 -22.47 -10.30
CA PRO C 45 5.69 -21.85 -10.29
C PRO C 45 5.76 -20.42 -10.83
N LYS C 46 4.66 -19.99 -11.43
CA LYS C 46 4.51 -18.63 -11.93
C LYS C 46 3.31 -17.97 -11.27
N LEU C 47 3.37 -16.65 -11.16
CA LEU C 47 2.23 -15.89 -10.65
C LEU C 47 1.07 -15.98 -11.63
N TRP C 48 -0.09 -16.37 -11.14
CA TRP C 48 -1.27 -16.54 -11.97
C TRP C 48 -2.37 -15.54 -11.63
N ILE C 49 -2.79 -15.48 -10.38
CA ILE C 49 -3.82 -14.56 -9.92
C ILE C 49 -3.31 -13.86 -8.67
N TYR C 50 -3.31 -12.54 -8.68
CA TYR C 50 -2.89 -11.74 -7.54
C TYR C 50 -4.05 -10.89 -7.04
N SER C 51 -4.18 -10.80 -5.72
CA SER C 51 -5.29 -10.13 -5.03
C SER C 51 -6.63 -10.73 -5.42
N THR C 52 -6.65 -12.03 -5.71
CA THR C 52 -7.79 -12.92 -5.95
C THR C 52 -8.80 -12.43 -6.98
N SER C 53 -8.46 -11.39 -7.74
CA SER C 53 -9.37 -10.90 -8.77
C SER C 53 -8.68 -10.72 -10.11
N ASN C 54 -7.43 -10.25 -10.09
CA ASN C 54 -6.73 -9.87 -11.30
C ASN C 54 -6.03 -11.08 -11.91
N LEU C 55 -5.36 -10.84 -13.03
CA LEU C 55 -4.58 -11.86 -13.71
C LEU C 55 -3.20 -11.30 -14.03
N ALA C 56 -2.19 -12.16 -14.00
CA ALA C 56 -0.84 -11.74 -14.28
C ALA C 56 -0.61 -11.63 -15.79
N SER C 57 0.62 -11.29 -16.17
CA SER C 57 0.96 -11.14 -17.57
C SER C 57 1.03 -12.50 -18.25
N GLY C 58 0.33 -12.64 -19.39
CA GLY C 58 0.29 -13.88 -20.12
C GLY C 58 -0.81 -14.83 -19.70
N VAL C 59 -1.51 -14.54 -18.63
CA VAL C 59 -2.59 -15.43 -18.17
C VAL C 59 -3.81 -15.25 -19.07
N PRO C 60 -4.40 -16.32 -19.59
CA PRO C 60 -5.63 -16.18 -20.38
C PRO C 60 -6.80 -15.72 -19.50
N ALA C 61 -7.73 -15.01 -20.13
CA ALA C 61 -8.84 -14.40 -19.41
C ALA C 61 -9.87 -15.40 -18.92
N ARG C 62 -9.79 -16.66 -19.32
CA ARG C 62 -10.73 -17.67 -18.84
C ARG C 62 -10.52 -18.02 -17.38
N PHE C 63 -9.34 -17.75 -16.83
CA PHE C 63 -9.15 -17.83 -15.39
C PHE C 63 -9.78 -16.63 -14.72
N SER C 64 -10.45 -16.86 -13.60
CA SER C 64 -11.11 -15.77 -12.88
C SER C 64 -11.23 -16.18 -11.41
N GLY C 65 -10.52 -15.48 -10.54
CA GLY C 65 -10.66 -15.70 -9.11
C GLY C 65 -11.89 -15.01 -8.55
N SER C 66 -12.30 -15.47 -7.37
CA SER C 66 -13.47 -14.91 -6.71
C SER C 66 -13.35 -15.20 -5.21
N GLY C 67 -14.37 -14.81 -4.47
CA GLY C 67 -14.40 -15.02 -3.05
C GLY C 67 -13.74 -13.88 -2.27
N SER C 68 -14.10 -13.79 -1.00
CA SER C 68 -13.55 -12.76 -0.12
C SER C 68 -13.67 -13.24 1.32
N GLY C 69 -12.86 -12.63 2.18
CA GLY C 69 -12.87 -12.99 3.58
C GLY C 69 -11.94 -14.15 3.89
N THR C 70 -12.50 -15.35 4.01
CA THR C 70 -11.74 -16.57 4.21
C THR C 70 -11.92 -17.61 3.12
N SER C 71 -13.08 -17.63 2.47
CA SER C 71 -13.35 -18.58 1.39
C SER C 71 -13.00 -17.91 0.06
N TYR C 72 -12.06 -18.50 -0.67
CA TYR C 72 -11.63 -17.98 -1.95
C TYR C 72 -11.67 -19.10 -2.99
N SER C 73 -11.89 -18.73 -4.25
CA SER C 73 -12.06 -19.71 -5.31
C SER C 73 -11.34 -19.25 -6.57
N LEU C 74 -11.00 -20.22 -7.42
CA LEU C 74 -10.45 -19.97 -8.74
C LEU C 74 -11.32 -20.68 -9.75
N THR C 75 -11.88 -19.93 -10.70
CA THR C 75 -12.85 -20.45 -11.65
C THR C 75 -12.25 -20.41 -13.05
N ILE C 76 -12.48 -21.47 -13.82
CA ILE C 76 -12.00 -21.60 -15.19
C ILE C 76 -13.21 -21.88 -16.07
N SER C 77 -13.30 -21.16 -17.20
CA SER C 77 -14.41 -21.39 -18.13
C SER C 77 -14.25 -22.72 -18.87
N SER C 78 -13.16 -22.86 -19.63
CA SER C 78 -12.91 -24.06 -20.41
C SER C 78 -11.43 -24.42 -20.31
N VAL C 79 -11.14 -25.58 -19.73
CA VAL C 79 -9.76 -26.05 -19.63
C VAL C 79 -9.33 -26.68 -20.95
N GLU C 80 -8.03 -26.69 -21.19
CA GLU C 80 -7.47 -27.44 -22.32
C GLU C 80 -6.18 -28.12 -21.89
N ALA C 81 -5.42 -28.65 -22.85
CA ALA C 81 -4.20 -29.37 -22.51
C ALA C 81 -3.06 -28.44 -22.06
N GLU C 82 -3.22 -27.13 -22.21
CA GLU C 82 -2.15 -26.18 -21.93
C GLU C 82 -2.11 -25.71 -20.48
N ASP C 83 -3.07 -26.10 -19.65
CA ASP C 83 -3.08 -25.68 -18.25
C ASP C 83 -3.37 -26.85 -17.33
N ALA C 84 -2.68 -27.97 -17.56
CA ALA C 84 -2.71 -29.11 -16.65
C ALA C 84 -1.50 -28.99 -15.72
N ALA C 85 -1.74 -28.54 -14.49
CA ALA C 85 -0.65 -28.23 -13.57
C ALA C 85 -1.20 -28.29 -12.15
N THR C 86 -0.42 -27.76 -11.19
CA THR C 86 -0.80 -27.72 -9.79
C THR C 86 -0.90 -26.27 -9.34
N TYR C 87 -1.92 -25.96 -8.54
CA TYR C 87 -2.22 -24.59 -8.12
C TYR C 87 -2.12 -24.46 -6.62
N TYR C 88 -1.49 -23.38 -6.17
CA TYR C 88 -1.33 -23.08 -4.75
C TYR C 88 -1.90 -21.70 -4.43
N CYS C 89 -2.26 -21.50 -3.17
CA CYS C 89 -2.77 -20.22 -2.69
C CYS C 89 -1.87 -19.69 -1.58
N GLN C 90 -1.55 -18.40 -1.65
CA GLN C 90 -0.67 -17.75 -0.70
C GLN C 90 -1.38 -16.57 -0.04
N GLN C 91 -0.81 -16.08 1.05
CA GLN C 91 -1.31 -14.90 1.73
C GLN C 91 -0.15 -14.07 2.26
N PHE C 92 -0.25 -12.75 2.14
CA PHE C 92 0.76 -11.83 2.64
C PHE C 92 0.29 -11.03 3.85
N SER C 93 -0.90 -11.31 4.37
CA SER C 93 -1.43 -10.51 5.47
C SER C 93 -0.65 -10.76 6.75
N GLY C 94 -0.65 -12.00 7.23
CA GLY C 94 0.05 -12.36 8.45
C GLY C 94 1.34 -13.09 8.17
N TYR C 95 2.32 -12.88 9.03
CA TYR C 95 3.57 -13.61 8.96
C TYR C 95 3.60 -14.70 10.02
N PRO C 96 4.19 -15.88 9.72
CA PRO C 96 4.92 -16.26 8.50
C PRO C 96 4.01 -16.59 7.32
N LEU C 97 4.58 -16.51 6.11
CA LEU C 97 3.84 -16.78 4.90
C LEU C 97 3.56 -18.27 4.78
N THR C 98 2.37 -18.60 4.28
CA THR C 98 1.95 -19.99 4.13
C THR C 98 1.43 -20.23 2.71
N PHE C 99 1.51 -21.48 2.28
CA PHE C 99 0.99 -21.91 1.00
C PHE C 99 -0.05 -22.99 1.22
N GLY C 100 -0.85 -23.23 0.17
CA GLY C 100 -1.84 -24.28 0.23
C GLY C 100 -1.24 -25.66 0.04
N SER C 101 -2.09 -26.67 0.22
CA SER C 101 -1.66 -28.04 -0.01
C SER C 101 -1.45 -28.35 -1.50
N GLY C 102 -2.19 -27.69 -2.37
CA GLY C 102 -2.03 -27.88 -3.80
C GLY C 102 -3.09 -28.77 -4.42
N THR C 103 -3.84 -28.23 -5.37
CA THR C 103 -4.81 -29.00 -6.13
C THR C 103 -4.16 -29.38 -7.46
N LYS C 104 -4.17 -30.67 -7.79
CA LYS C 104 -3.58 -31.16 -9.02
C LYS C 104 -4.66 -31.25 -10.09
N LEU C 105 -4.55 -30.44 -11.13
CA LEU C 105 -5.49 -30.47 -12.25
C LEU C 105 -5.07 -31.58 -13.19
N GLU C 106 -5.91 -32.61 -13.29
CA GLU C 106 -5.63 -33.77 -14.11
C GLU C 106 -6.58 -33.81 -15.30
N MET C 107 -6.28 -34.67 -16.26
CA MET C 107 -7.11 -34.85 -17.45
C MET C 107 -7.53 -36.30 -17.57
N LYS C 108 -8.70 -36.52 -18.16
CA LYS C 108 -9.19 -37.85 -18.47
C LYS C 108 -9.58 -37.92 -19.94
N ARG C 109 -9.55 -39.14 -20.48
CA ARG C 109 -9.91 -39.39 -21.87
C ARG C 109 -10.26 -40.87 -21.98
N ALA C 110 -10.58 -41.30 -23.20
CA ALA C 110 -10.87 -42.70 -23.47
C ALA C 110 -9.68 -43.58 -23.10
N ASP C 111 -9.96 -44.69 -22.40
CA ASP C 111 -8.91 -45.51 -21.83
C ASP C 111 -8.16 -46.27 -22.91
N ALA C 112 -6.84 -46.33 -22.76
CA ALA C 112 -5.97 -47.06 -23.66
C ALA C 112 -5.22 -48.13 -22.89
N ALA C 113 -5.12 -49.32 -23.49
CA ALA C 113 -4.49 -50.45 -22.81
C ALA C 113 -2.99 -50.23 -22.68
N PRO C 114 -2.36 -50.74 -21.61
CA PRO C 114 -0.91 -50.62 -21.50
C PRO C 114 -0.19 -51.47 -22.53
N THR C 115 1.01 -51.01 -22.90
CA THR C 115 1.90 -51.75 -23.79
C THR C 115 2.95 -52.43 -22.91
N VAL C 116 2.59 -53.60 -22.39
CA VAL C 116 3.43 -54.33 -21.45
C VAL C 116 4.61 -54.93 -22.20
N SER C 117 5.82 -54.66 -21.71
CA SER C 117 7.04 -55.17 -22.33
C SER C 117 7.99 -55.62 -21.23
N ILE C 118 8.26 -56.92 -21.16
CA ILE C 118 9.16 -57.48 -20.16
C ILE C 118 10.58 -57.42 -20.70
N PHE C 119 11.52 -56.99 -19.85
CA PHE C 119 12.92 -56.88 -20.24
C PHE C 119 13.76 -57.78 -19.36
N PRO C 120 14.28 -58.89 -19.87
CA PRO C 120 15.20 -59.70 -19.08
C PRO C 120 16.50 -58.95 -18.84
N PRO C 121 17.17 -59.21 -17.72
CA PRO C 121 18.45 -58.53 -17.45
C PRO C 121 19.53 -58.96 -18.42
N SER C 122 20.49 -58.06 -18.65
CA SER C 122 21.58 -58.32 -19.56
C SER C 122 22.60 -59.27 -18.93
N SER C 123 23.60 -59.65 -19.72
CA SER C 123 24.63 -60.57 -19.25
C SER C 123 25.48 -59.96 -18.16
N GLU C 124 25.73 -58.66 -18.22
CA GLU C 124 26.52 -57.97 -17.20
C GLU C 124 25.77 -57.75 -15.90
N GLN C 125 24.45 -57.99 -15.88
CA GLN C 125 23.68 -57.78 -14.65
C GLN C 125 24.01 -58.84 -13.61
N LEU C 126 24.30 -60.06 -14.03
CA LEU C 126 24.63 -61.14 -13.11
C LEU C 126 26.07 -61.08 -12.60
N THR C 127 26.88 -60.16 -13.12
CA THR C 127 28.24 -60.00 -12.62
C THR C 127 28.24 -59.49 -11.19
N SER C 128 27.31 -58.59 -10.85
CA SER C 128 27.21 -58.07 -9.50
C SER C 128 26.65 -59.08 -8.51
N GLY C 129 25.99 -60.13 -8.97
CA GLY C 129 25.45 -61.15 -8.10
C GLY C 129 23.97 -61.03 -7.78
N GLY C 130 23.26 -60.10 -8.39
CA GLY C 130 21.85 -59.91 -8.16
C GLY C 130 21.00 -60.22 -9.38
N ALA C 131 19.69 -60.12 -9.19
CA ALA C 131 18.72 -60.32 -10.25
C ALA C 131 17.82 -59.10 -10.34
N SER C 132 17.81 -58.46 -11.51
CA SER C 132 17.01 -57.25 -11.75
C SER C 132 16.32 -57.40 -13.10
N VAL C 133 15.14 -58.00 -13.10
CA VAL C 133 14.28 -58.07 -14.27
C VAL C 133 13.25 -56.96 -14.16
N VAL C 134 12.98 -56.30 -15.28
CA VAL C 134 12.15 -55.09 -15.29
C VAL C 134 11.06 -55.24 -16.35
N CYS C 135 9.84 -54.82 -15.99
CA CYS C 135 8.71 -54.77 -16.90
C CYS C 135 8.30 -53.32 -17.08
N PHE C 136 8.08 -52.92 -18.33
CA PHE C 136 7.69 -51.55 -18.65
C PHE C 136 6.21 -51.51 -19.04
N LEU C 137 5.45 -50.68 -18.34
CA LEU C 137 4.06 -50.42 -18.66
C LEU C 137 3.97 -49.01 -19.20
N ASN C 138 3.52 -48.87 -20.44
CA ASN C 138 3.58 -47.58 -21.13
C ASN C 138 2.25 -47.30 -21.82
N ASN C 139 1.86 -46.02 -21.82
CA ASN C 139 0.65 -45.52 -22.46
C ASN C 139 -0.61 -46.22 -21.93
N PHE C 140 -0.89 -45.98 -20.66
CA PHE C 140 -2.06 -46.56 -20.01
C PHE C 140 -2.74 -45.49 -19.16
N TYR C 141 -4.05 -45.68 -18.95
CA TYR C 141 -4.88 -44.80 -18.15
C TYR C 141 -5.94 -45.65 -17.48
N PRO C 142 -6.26 -45.39 -16.20
CA PRO C 142 -5.72 -44.37 -15.30
C PRO C 142 -4.56 -44.86 -14.44
N LYS C 143 -4.13 -44.04 -13.48
CA LYS C 143 -2.98 -44.37 -12.66
C LYS C 143 -3.28 -45.43 -11.61
N ASP C 144 -4.55 -45.73 -11.35
CA ASP C 144 -4.92 -46.72 -10.34
C ASP C 144 -4.85 -48.11 -10.96
N ILE C 145 -3.62 -48.57 -11.21
CA ILE C 145 -3.35 -49.85 -11.82
C ILE C 145 -2.37 -50.61 -10.94
N ASN C 146 -2.75 -51.82 -10.54
CA ASN C 146 -1.92 -52.67 -9.68
C ASN C 146 -1.15 -53.66 -10.54
N VAL C 147 0.07 -53.96 -10.13
CA VAL C 147 0.93 -54.91 -10.82
C VAL C 147 1.46 -55.91 -9.80
N LYS C 148 1.59 -57.16 -10.21
CA LYS C 148 2.18 -58.19 -9.37
C LYS C 148 3.13 -59.03 -10.20
N TRP C 149 4.10 -59.64 -9.53
CA TRP C 149 5.10 -60.49 -10.17
C TRP C 149 4.75 -61.94 -9.93
N LYS C 150 4.75 -62.74 -10.99
CA LYS C 150 4.42 -64.15 -10.94
C LYS C 150 5.70 -64.95 -11.16
N ILE C 151 6.03 -65.81 -10.20
CA ILE C 151 7.26 -66.58 -10.24
C ILE C 151 6.96 -68.02 -9.81
N ASP C 152 7.58 -68.97 -10.52
CA ASP C 152 7.48 -70.40 -10.25
C ASP C 152 6.03 -70.88 -10.30
N GLY C 153 5.39 -70.95 -9.13
CA GLY C 153 4.00 -71.34 -9.05
C GLY C 153 3.20 -70.53 -8.07
N SER C 154 3.60 -69.28 -7.85
CA SER C 154 2.93 -68.40 -6.89
C SER C 154 3.18 -66.96 -7.30
N GLU C 155 2.61 -66.04 -6.53
CA GLU C 155 2.80 -64.61 -6.75
C GLU C 155 3.97 -64.11 -5.89
N ARG C 156 4.44 -62.91 -6.23
CA ARG C 156 5.55 -62.29 -5.53
C ARG C 156 5.13 -60.92 -5.01
N GLN C 157 5.45 -60.67 -3.75
CA GLN C 157 5.16 -59.40 -3.09
C GLN C 157 6.41 -58.63 -2.71
N ASN C 158 7.48 -59.34 -2.30
CA ASN C 158 8.70 -58.69 -1.87
C ASN C 158 9.54 -58.27 -3.06
N GLY C 159 10.27 -57.16 -2.90
CA GLY C 159 11.18 -56.67 -3.92
C GLY C 159 10.52 -56.17 -5.19
N VAL C 160 9.43 -55.41 -5.08
CA VAL C 160 8.71 -54.89 -6.23
C VAL C 160 8.93 -53.39 -6.30
N LEU C 161 9.40 -52.92 -7.45
CA LEU C 161 9.66 -51.50 -7.65
C LEU C 161 8.44 -50.80 -8.25
N ASN C 162 8.36 -49.51 -7.99
CA ASN C 162 7.23 -48.70 -8.45
C ASN C 162 7.74 -47.35 -8.92
N SER C 163 7.27 -46.92 -10.08
CA SER C 163 7.65 -45.61 -10.62
C SER C 163 6.56 -45.14 -11.58
N TRP C 164 5.72 -44.23 -11.12
CA TRP C 164 4.66 -43.67 -11.94
C TRP C 164 5.17 -42.41 -12.63
N THR C 165 4.98 -42.35 -13.94
CA THR C 165 5.29 -41.14 -14.70
C THR C 165 4.14 -40.14 -14.53
N ASP C 166 4.49 -38.86 -14.50
CA ASP C 166 3.49 -37.82 -14.36
C ASP C 166 2.67 -37.68 -15.64
N GLN C 167 1.77 -36.70 -15.65
CA GLN C 167 0.84 -36.53 -16.75
C GLN C 167 1.56 -36.05 -18.01
N ASP C 168 1.37 -36.79 -19.10
CA ASP C 168 2.00 -36.45 -20.37
C ASP C 168 1.26 -35.31 -21.06
N SER C 169 2.02 -34.44 -21.72
CA SER C 169 1.45 -33.34 -22.48
C SER C 169 1.22 -33.71 -23.95
N LYS C 170 1.62 -34.90 -24.38
CA LYS C 170 1.47 -35.31 -25.77
C LYS C 170 0.18 -36.08 -26.04
N ASP C 171 0.00 -37.22 -25.38
CA ASP C 171 -1.19 -38.04 -25.56
C ASP C 171 -1.98 -38.25 -24.28
N SER C 172 -1.62 -37.54 -23.20
CA SER C 172 -2.35 -37.53 -21.93
C SER C 172 -2.50 -38.93 -21.33
N THR C 173 -1.36 -39.53 -21.00
CA THR C 173 -1.34 -40.88 -20.44
C THR C 173 -0.21 -40.99 -19.43
N TYR C 174 -0.18 -42.13 -18.74
CA TYR C 174 0.81 -42.41 -17.72
C TYR C 174 1.82 -43.43 -18.24
N SER C 175 2.76 -43.81 -17.37
CA SER C 175 3.72 -44.87 -17.67
C SER C 175 4.24 -45.43 -16.36
N MET C 176 4.22 -46.76 -16.24
CA MET C 176 4.55 -47.46 -15.01
C MET C 176 5.76 -48.36 -15.24
N SER C 177 6.72 -48.31 -14.32
CA SER C 177 7.91 -49.14 -14.40
C SER C 177 8.07 -49.94 -13.12
N SER C 178 8.26 -51.25 -13.25
CA SER C 178 8.39 -52.13 -12.10
C SER C 178 9.59 -53.04 -12.30
N THR C 179 10.41 -53.18 -11.26
CA THR C 179 11.62 -53.97 -11.29
C THR C 179 11.63 -54.94 -10.12
N LEU C 180 11.90 -56.21 -10.40
CA LEU C 180 12.02 -57.23 -9.37
C LEU C 180 13.47 -57.31 -8.91
N THR C 181 13.69 -57.07 -7.63
CA THR C 181 15.03 -57.11 -7.04
C THR C 181 15.23 -58.45 -6.36
N LEU C 182 16.18 -59.24 -6.87
CA LEU C 182 16.48 -60.55 -6.35
C LEU C 182 17.98 -60.79 -6.50
N THR C 183 18.42 -62.02 -6.20
CA THR C 183 19.82 -62.39 -6.27
C THR C 183 20.05 -63.36 -7.43
N LYS C 184 21.31 -63.44 -7.85
CA LYS C 184 21.67 -64.34 -8.95
C LYS C 184 21.51 -65.80 -8.55
N ASP C 185 21.72 -66.12 -7.27
CA ASP C 185 21.45 -67.48 -6.80
C ASP C 185 19.96 -67.79 -6.86
N GLU C 186 19.12 -66.81 -6.53
CA GLU C 186 17.67 -67.00 -6.65
C GLU C 186 17.22 -66.96 -8.10
N TYR C 187 17.99 -66.29 -8.97
CA TYR C 187 17.70 -66.28 -10.40
C TYR C 187 17.80 -67.68 -10.99
N GLU C 188 18.83 -68.43 -10.61
CA GLU C 188 19.00 -69.78 -11.13
C GLU C 188 18.05 -70.79 -10.51
N ARG C 189 17.40 -70.45 -9.40
CA ARG C 189 16.45 -71.32 -8.73
C ARG C 189 15.01 -71.10 -9.20
N HIS C 190 14.79 -70.23 -10.19
CA HIS C 190 13.47 -69.95 -10.70
C HIS C 190 13.50 -70.02 -12.22
N ASN C 191 12.34 -70.32 -12.81
CA ASN C 191 12.25 -70.46 -14.25
C ASN C 191 11.10 -69.68 -14.88
N SER C 192 10.05 -69.33 -14.13
CA SER C 192 8.92 -68.59 -14.66
C SER C 192 9.00 -67.15 -14.19
N TYR C 193 8.92 -66.21 -15.13
CA TYR C 193 8.97 -64.79 -14.82
C TYR C 193 7.83 -64.12 -15.57
N THR C 194 6.77 -63.74 -14.86
CA THR C 194 5.60 -63.13 -15.48
C THR C 194 5.20 -61.89 -14.69
N CYS C 195 4.92 -60.81 -15.42
CA CYS C 195 4.37 -59.60 -14.85
C CYS C 195 3.01 -59.32 -15.50
N GLU C 196 2.03 -59.00 -14.67
CA GLU C 196 0.68 -58.78 -15.15
C GLU C 196 0.04 -57.63 -14.37
N ALA C 197 -0.94 -56.98 -15.00
CA ALA C 197 -1.62 -55.84 -14.40
C ALA C 197 -3.07 -55.85 -14.84
N THR C 198 -3.96 -55.55 -13.91
CA THR C 198 -5.40 -55.55 -14.18
C THR C 198 -5.81 -54.14 -14.61
N HIS C 199 -5.91 -53.94 -15.93
CA HIS C 199 -6.42 -52.70 -16.47
C HIS C 199 -7.95 -52.74 -16.53
N LYS C 200 -8.56 -51.56 -16.65
CA LYS C 200 -10.00 -51.46 -16.64
C LYS C 200 -10.62 -51.69 -18.02
N THR C 201 -9.81 -51.84 -19.06
CA THR C 201 -10.36 -52.15 -20.38
C THR C 201 -10.81 -53.61 -20.46
N SER C 202 -10.03 -54.52 -19.89
CA SER C 202 -10.33 -55.95 -19.93
C SER C 202 -10.36 -56.49 -18.51
N THR C 203 -11.38 -57.28 -18.20
CA THR C 203 -11.50 -57.87 -16.87
C THR C 203 -10.36 -58.84 -16.59
N SER C 204 -9.98 -59.64 -17.59
CA SER C 204 -8.79 -60.47 -17.47
C SER C 204 -7.55 -59.59 -17.55
N PRO C 205 -6.63 -59.66 -16.60
CA PRO C 205 -5.42 -58.83 -16.66
C PRO C 205 -4.51 -59.23 -17.81
N ILE C 206 -3.87 -58.23 -18.40
CA ILE C 206 -2.93 -58.46 -19.50
C ILE C 206 -1.68 -59.12 -18.95
N VAL C 207 -1.25 -60.21 -19.60
CA VAL C 207 -0.13 -60.99 -19.13
C VAL C 207 0.99 -60.96 -20.17
N LYS C 208 2.22 -61.10 -19.67
CA LYS C 208 3.40 -61.15 -20.54
C LYS C 208 4.48 -61.90 -19.78
N SER C 209 4.73 -63.14 -20.19
CA SER C 209 5.65 -64.03 -19.48
C SER C 209 6.97 -64.14 -20.23
N PHE C 210 7.98 -64.64 -19.52
CA PHE C 210 9.27 -64.93 -20.12
C PHE C 210 9.93 -66.06 -19.37
N ASN C 211 10.87 -66.72 -20.03
CA ASN C 211 11.60 -67.84 -19.46
C ASN C 211 13.09 -67.59 -19.57
N ARG C 212 13.84 -68.06 -18.56
CA ARG C 212 15.28 -67.85 -18.54
C ARG C 212 16.00 -68.61 -19.62
N ASN C 213 15.44 -69.75 -20.06
CA ASN C 213 15.95 -70.70 -21.08
C ASN C 213 17.44 -70.67 -21.45
CL CL D . -9.15 23.48 0.80
#